data_7OQ6
#
_entry.id   7OQ6
#
_cell.length_a   112.838
_cell.length_b   112.838
_cell.length_c   146.182
_cell.angle_alpha   90.000
_cell.angle_beta   90.000
_cell.angle_gamma   90.000
#
_symmetry.space_group_name_H-M   'P 41 21 2'
#
loop_
_entity.id
_entity.type
_entity.pdbx_description
1 polymer 'Cytochrome P450'
2 non-polymer 'PROTOPORPHYRIN IX CONTAINING FE'
3 non-polymer 'THIOCYANATE ION'
4 water water
#
_entity_poly.entity_id   1
_entity_poly.type   'polypeptide(L)'
_entity_poly.pdbx_seq_one_letter_code
;MGSSHHHHHHSSGLVPRGSHMASMTGGQQMGRGSEFMTDAETKMAKCPVAPHGWPNPLLPEYDQLPEGRPLTQVTMPSGS
KAWLVAQHDHIQRLLADNRFSVEPHPTFPIRFPAPQELLDMIARDAKNLLVTMDPPRHTRVRQMALPDFTIKAAEKLRPR
MQDLIDYYLDKMEAEGAPADLVQALALPFPAQVICELAGIPENDREIFTRNAAIMVGTRHSYTMEQKLAANEELMKYFAA
LVTEKQSNPTDDMLGNFIARAGKTDEFDHHGLTLMTKMLLLAGYEFIVNRIALGIQALVENPEQLAALRADLPGLMPKTV
DEVLRYYSLVDEIIARVALEDVEIDGVTIKAGEGILVLKGLGDRDPSKYPNPDVFDIHRDSRDHLAFGYGVHQCLGQHVA
RLMLEMCLTSLVERFPGLHLVEGDEPIELIDGLPPVHKLTIGW
;
_entity_poly.pdbx_strand_id   A,B
#
# COMPACT_ATOMS: atom_id res chain seq x y z
N ALA A 45 6.51 5.27 20.39
CA ALA A 45 7.17 4.01 20.05
C ALA A 45 6.17 2.96 19.55
N LYS A 46 5.63 3.17 18.35
CA LYS A 46 4.49 2.37 17.85
C LYS A 46 4.45 2.47 16.32
N CYS A 47 3.25 2.23 15.73
CA CYS A 47 2.98 2.20 14.29
C CYS A 47 3.49 0.97 13.53
N PRO A 48 2.64 -0.07 13.37
CA PRO A 48 3.01 -1.17 12.47
C PRO A 48 3.36 -0.65 11.08
N VAL A 49 4.61 -0.84 10.65
CA VAL A 49 5.07 -0.37 9.35
C VAL A 49 5.82 -1.50 8.66
N ALA A 50 5.86 -1.43 7.33
CA ALA A 50 6.65 -2.37 6.55
C ALA A 50 8.11 -2.28 6.98
N PRO A 51 8.82 -3.40 7.04
CA PRO A 51 10.25 -3.37 7.33
C PRO A 51 10.99 -2.61 6.25
N HIS A 52 12.06 -1.94 6.66
CA HIS A 52 12.96 -1.27 5.71
CA HIS A 52 12.89 -1.26 5.68
C HIS A 52 13.38 -2.24 4.62
N GLY A 53 13.28 -1.80 3.36
CA GLY A 53 13.66 -2.65 2.24
C GLY A 53 12.61 -3.64 1.79
N TRP A 54 11.43 -3.65 2.41
CA TRP A 54 10.42 -4.63 2.04
C TRP A 54 9.83 -4.23 0.70
N PRO A 55 9.71 -5.15 -0.25
CA PRO A 55 9.32 -4.78 -1.62
C PRO A 55 7.82 -4.71 -1.86
N ASN A 56 7.00 -5.00 -0.86
CA ASN A 56 5.56 -4.92 -1.00
C ASN A 56 5.00 -3.95 0.03
N PRO A 57 3.84 -3.37 -0.24
CA PRO A 57 3.11 -2.67 0.82
C PRO A 57 2.49 -3.68 1.77
N LEU A 58 2.15 -3.19 2.97
CA LEU A 58 1.38 -3.98 3.91
C LEU A 58 0.00 -4.25 3.33
N LEU A 59 -0.64 -5.31 3.83
CA LEU A 59 -1.95 -5.72 3.33
C LEU A 59 -2.96 -4.59 3.53
N PRO A 60 -3.70 -4.19 2.49
CA PRO A 60 -4.66 -3.09 2.67
C PRO A 60 -5.77 -3.42 3.66
N GLU A 61 -6.12 -4.71 3.82
CA GLU A 61 -7.08 -5.12 4.85
C GLU A 61 -6.72 -4.52 6.21
N TYR A 62 -5.43 -4.41 6.50
CA TYR A 62 -4.97 -3.84 7.78
C TYR A 62 -5.56 -2.47 8.04
N ASP A 63 -5.80 -1.70 6.99
CA ASP A 63 -6.28 -0.34 7.13
C ASP A 63 -7.80 -0.21 7.14
N GLN A 64 -8.53 -1.32 7.11
CA GLN A 64 -9.98 -1.28 6.98
C GLN A 64 -10.69 -1.50 8.32
N LEU A 65 -10.00 -1.33 9.44
CA LEU A 65 -10.67 -1.61 10.71
C LEU A 65 -10.89 -0.34 11.51
N PRO A 66 -11.97 -0.27 12.27
CA PRO A 66 -12.13 0.83 13.22
C PRO A 66 -11.10 0.72 14.34
N GLU A 67 -10.93 1.82 15.05
CA GLU A 67 -10.09 1.86 16.25
C GLU A 67 -10.48 0.72 17.19
N GLY A 68 -9.48 0.12 17.82
CA GLY A 68 -9.71 -1.09 18.59
C GLY A 68 -9.73 -2.37 17.78
N ARG A 69 -9.73 -2.31 16.46
CA ARG A 69 -9.79 -3.47 15.59
C ARG A 69 -10.91 -4.45 15.99
N PRO A 70 -12.15 -3.97 16.11
CA PRO A 70 -13.26 -4.90 16.34
C PRO A 70 -13.46 -5.80 15.14
N LEU A 71 -14.12 -6.94 15.38
CA LEU A 71 -14.60 -7.78 14.29
C LEU A 71 -15.43 -6.95 13.32
N THR A 72 -15.08 -7.02 12.04
CA THR A 72 -15.51 -6.03 11.06
C THR A 72 -15.96 -6.74 9.80
N GLN A 73 -17.25 -6.63 9.49
CA GLN A 73 -17.82 -7.35 8.38
C GLN A 73 -17.62 -6.57 7.09
N VAL A 74 -17.22 -7.28 6.04
CA VAL A 74 -16.99 -6.69 4.72
C VAL A 74 -17.72 -7.53 3.68
N THR A 75 -17.86 -6.96 2.48
CA THR A 75 -18.41 -7.63 1.32
C THR A 75 -17.28 -7.88 0.33
N MET A 76 -17.14 -9.11 -0.11
CA MET A 76 -16.08 -9.50 -1.02
C MET A 76 -16.46 -9.20 -2.46
N PRO A 77 -15.50 -9.21 -3.39
CA PRO A 77 -15.85 -8.95 -4.80
C PRO A 77 -17.06 -9.75 -5.29
N SER A 78 -17.16 -11.04 -4.97
CA SER A 78 -18.24 -11.88 -5.46
C SER A 78 -19.60 -11.54 -4.86
N GLY A 79 -19.64 -10.68 -3.84
CA GLY A 79 -20.86 -10.43 -3.10
C GLY A 79 -20.99 -11.21 -1.81
N SER A 80 -20.16 -12.24 -1.62
CA SER A 80 -20.16 -12.95 -0.35
C SER A 80 -19.68 -12.03 0.77
N LYS A 81 -19.93 -12.45 2.01
CA LYS A 81 -19.60 -11.67 3.20
C LYS A 81 -18.48 -12.35 3.99
N ALA A 82 -17.61 -11.54 4.61
CA ALA A 82 -16.52 -12.06 5.44
C ALA A 82 -16.29 -11.12 6.62
N TRP A 83 -15.52 -11.62 7.59
CA TRP A 83 -15.19 -10.88 8.80
C TRP A 83 -13.68 -10.69 8.90
N LEU A 84 -13.25 -9.46 9.17
CA LEU A 84 -11.83 -9.18 9.41
C LEU A 84 -11.50 -9.45 10.87
N VAL A 85 -10.55 -10.35 11.12
CA VAL A 85 -10.25 -10.82 12.46
C VAL A 85 -8.81 -10.46 12.79
N ALA A 86 -8.62 -9.51 13.70
CA ALA A 86 -7.30 -8.97 13.98
C ALA A 86 -6.92 -9.06 15.45
N GLN A 87 -7.79 -9.59 16.31
CA GLN A 87 -7.46 -9.68 17.73
C GLN A 87 -6.91 -11.06 18.02
N HIS A 88 -5.79 -11.08 18.74
CA HIS A 88 -5.13 -12.33 19.09
C HIS A 88 -6.10 -13.34 19.71
N ASP A 89 -6.89 -12.90 20.69
CA ASP A 89 -7.80 -13.86 21.33
C ASP A 89 -8.83 -14.39 20.34
N HIS A 90 -9.39 -13.52 19.50
CA HIS A 90 -10.38 -13.96 18.52
C HIS A 90 -9.78 -14.94 17.53
N ILE A 91 -8.55 -14.67 17.11
CA ILE A 91 -7.91 -15.53 16.11
C ILE A 91 -7.80 -16.95 16.64
N GLN A 92 -7.31 -17.10 17.88
CA GLN A 92 -7.19 -18.41 18.51
C GLN A 92 -8.55 -19.09 18.63
N ARG A 93 -9.56 -18.35 19.13
CA ARG A 93 -10.88 -18.93 19.35
C ARG A 93 -11.54 -19.33 18.04
N LEU A 94 -11.28 -18.59 16.95
CA LEU A 94 -11.94 -18.95 15.70
C LEU A 94 -11.17 -20.02 14.94
N LEU A 95 -9.84 -19.96 14.94
CA LEU A 95 -9.07 -20.99 14.24
C LEU A 95 -9.08 -22.32 14.99
N ALA A 96 -9.40 -22.31 16.28
CA ALA A 96 -9.60 -23.56 17.03
C ALA A 96 -10.91 -24.27 16.69
N ASP A 97 -11.88 -23.57 16.10
CA ASP A 97 -13.26 -24.06 16.01
C ASP A 97 -13.47 -24.97 14.78
N ASN A 98 -13.96 -26.19 15.01
CA ASN A 98 -14.20 -27.06 13.85
C ASN A 98 -15.43 -26.66 13.04
N ARG A 99 -16.10 -25.56 13.38
CA ARG A 99 -17.17 -25.13 12.50
C ARG A 99 -16.66 -24.36 11.30
N PHE A 100 -15.34 -24.14 11.20
CA PHE A 100 -14.77 -23.44 10.06
C PHE A 100 -14.06 -24.43 9.14
N SER A 101 -14.04 -24.11 7.85
CA SER A 101 -13.61 -25.05 6.82
C SER A 101 -12.60 -24.40 5.87
N VAL A 102 -11.71 -25.23 5.31
CA VAL A 102 -10.75 -24.80 4.29
C VAL A 102 -11.10 -25.30 2.90
N GLU A 103 -12.18 -26.05 2.75
CA GLU A 103 -12.55 -26.72 1.51
C GLU A 103 -13.37 -25.79 0.62
N PRO A 104 -13.33 -25.98 -0.70
CA PRO A 104 -14.09 -25.12 -1.61
C PRO A 104 -15.54 -25.01 -1.15
N HIS A 105 -16.13 -23.84 -1.40
CA HIS A 105 -17.44 -23.48 -0.88
C HIS A 105 -17.97 -22.36 -1.75
N PRO A 106 -19.26 -22.35 -2.07
CA PRO A 106 -19.81 -21.29 -2.94
C PRO A 106 -19.53 -19.88 -2.43
N THR A 107 -19.39 -19.69 -1.12
CA THR A 107 -19.14 -18.36 -0.59
C THR A 107 -17.85 -18.30 0.22
N PHE A 108 -16.84 -19.08 -0.18
CA PHE A 108 -15.52 -18.95 0.44
C PHE A 108 -14.98 -17.55 0.17
N PRO A 109 -14.42 -16.87 1.18
CA PRO A 109 -13.91 -15.50 0.95
C PRO A 109 -12.75 -15.47 -0.02
N ILE A 110 -12.95 -14.83 -1.18
CA ILE A 110 -11.92 -14.65 -2.19
C ILE A 110 -11.73 -13.14 -2.37
N ARG A 111 -10.51 -12.65 -2.15
CA ARG A 111 -10.27 -11.23 -1.96
C ARG A 111 -10.25 -10.44 -3.27
N PHE A 112 -10.14 -11.11 -4.39
CA PHE A 112 -10.04 -10.52 -5.71
C PHE A 112 -11.13 -11.12 -6.60
N PRO A 113 -11.51 -10.45 -7.69
CA PRO A 113 -12.44 -11.08 -8.63
C PRO A 113 -11.71 -12.11 -9.48
N ALA A 114 -12.40 -13.19 -9.79
CA ALA A 114 -11.67 -14.29 -10.40
C ALA A 114 -12.53 -15.04 -11.40
N PRO A 115 -11.95 -15.50 -12.52
CA PRO A 115 -12.73 -16.32 -13.45
C PRO A 115 -13.18 -17.59 -12.76
N GLN A 116 -14.42 -18.00 -13.04
CA GLN A 116 -14.96 -19.20 -12.41
C GLN A 116 -14.16 -20.43 -12.84
N GLU A 117 -13.70 -20.47 -14.09
CA GLU A 117 -12.94 -21.63 -14.55
C GLU A 117 -11.68 -21.81 -13.73
N LEU A 118 -11.02 -20.72 -13.34
CA LEU A 118 -9.81 -20.84 -12.53
C LEU A 118 -10.12 -21.06 -11.06
N LEU A 119 -11.29 -20.61 -10.59
CA LEU A 119 -11.80 -21.11 -9.32
C LEU A 119 -11.99 -22.61 -9.37
N ASP A 120 -12.78 -23.08 -10.34
CA ASP A 120 -12.93 -24.50 -10.65
C ASP A 120 -11.60 -25.24 -10.61
N MET A 121 -10.61 -24.73 -11.34
CA MET A 121 -9.30 -25.38 -11.40
C MET A 121 -8.74 -25.59 -9.99
N ILE A 122 -8.66 -24.51 -9.21
CA ILE A 122 -8.18 -24.62 -7.84
C ILE A 122 -9.10 -25.54 -7.04
N ALA A 123 -10.41 -25.44 -7.24
CA ALA A 123 -11.35 -26.19 -6.43
C ALA A 123 -11.20 -27.70 -6.63
N ARG A 124 -10.98 -28.14 -7.86
CA ARG A 124 -10.92 -29.58 -8.10
C ARG A 124 -9.58 -30.19 -7.71
N ASP A 125 -8.59 -29.40 -7.33
CA ASP A 125 -7.36 -29.93 -6.77
C ASP A 125 -7.22 -29.68 -5.26
N ALA A 126 -8.27 -29.15 -4.61
CA ALA A 126 -8.20 -28.94 -3.17
C ALA A 126 -8.22 -30.25 -2.41
N LYS A 127 -8.73 -31.33 -3.01
CA LYS A 127 -8.65 -32.66 -2.42
C LYS A 127 -7.20 -33.10 -2.24
N ASN A 128 -6.27 -32.49 -2.93
CA ASN A 128 -4.90 -32.99 -2.98
C ASN A 128 -3.94 -32.19 -2.14
N LEU A 129 -4.41 -31.21 -1.37
CA LEU A 129 -3.55 -30.34 -0.58
C LEU A 129 -4.00 -30.38 0.88
N LEU A 130 -3.06 -30.71 1.77
CA LEU A 130 -3.39 -30.75 3.19
C LEU A 130 -3.98 -29.43 3.65
N VAL A 131 -3.51 -28.31 3.10
CA VAL A 131 -3.97 -27.02 3.58
C VAL A 131 -5.43 -26.77 3.21
N THR A 132 -6.00 -27.51 2.26
CA THR A 132 -7.40 -27.35 1.89
C THR A 132 -8.21 -28.62 2.16
N MET A 133 -7.83 -29.38 3.17
CA MET A 133 -8.61 -30.52 3.67
C MET A 133 -9.15 -30.23 5.07
N ASP A 134 -10.43 -30.51 5.31
CA ASP A 134 -10.96 -30.50 6.66
C ASP A 134 -10.74 -31.85 7.34
N PRO A 135 -10.69 -31.88 8.67
CA PRO A 135 -10.88 -33.15 9.39
C PRO A 135 -12.22 -33.78 9.04
N PRO A 136 -12.36 -35.11 9.19
CA PRO A 136 -11.37 -36.10 9.63
C PRO A 136 -10.25 -36.39 8.63
N ARG A 137 -10.50 -36.22 7.33
CA ARG A 137 -9.50 -36.57 6.34
C ARG A 137 -8.21 -35.77 6.57
N HIS A 138 -8.32 -34.51 6.98
CA HIS A 138 -7.12 -33.73 7.23
C HIS A 138 -6.25 -34.40 8.29
N THR A 139 -6.87 -34.93 9.33
CA THR A 139 -6.12 -35.55 10.41
C THR A 139 -5.37 -36.79 9.94
N ARG A 140 -6.01 -37.61 9.10
CA ARG A 140 -5.36 -38.84 8.66
C ARG A 140 -4.22 -38.55 7.71
N VAL A 141 -4.45 -37.64 6.75
CA VAL A 141 -3.40 -37.31 5.80
C VAL A 141 -2.23 -36.65 6.50
N ARG A 142 -2.49 -35.78 7.48
CA ARG A 142 -1.40 -35.12 8.17
C ARG A 142 -0.54 -36.15 8.91
N GLN A 143 -1.17 -37.20 9.44
CA GLN A 143 -0.41 -38.21 10.16
C GLN A 143 0.63 -38.89 9.27
N MET A 144 0.39 -38.93 7.96
CA MET A 144 1.35 -39.54 7.05
C MET A 144 2.66 -38.77 6.92
N ALA A 145 2.70 -37.49 7.30
CA ALA A 145 3.95 -36.75 7.27
C ALA A 145 4.44 -36.32 8.63
N LEU A 146 3.55 -36.22 9.61
CA LEU A 146 3.90 -35.67 10.91
C LEU A 146 5.14 -36.31 11.55
N PRO A 147 5.33 -37.64 11.54
CA PRO A 147 6.50 -38.20 12.25
C PRO A 147 7.83 -37.63 11.82
N ASP A 148 7.97 -37.16 10.59
CA ASP A 148 9.25 -36.61 10.16
C ASP A 148 9.35 -35.10 10.39
N PHE A 149 8.41 -34.51 11.12
CA PHE A 149 8.33 -33.08 11.33
C PHE A 149 8.33 -32.71 12.80
N THR A 150 8.49 -33.68 13.70
CA THR A 150 8.47 -33.43 15.13
C THR A 150 9.71 -32.66 15.55
N ILE A 151 9.70 -32.17 16.80
CA ILE A 151 10.88 -31.54 17.35
C ILE A 151 12.08 -32.49 17.29
N LYS A 152 11.88 -33.75 17.70
CA LYS A 152 12.98 -34.72 17.67
C LYS A 152 13.44 -34.99 16.26
N ALA A 153 12.50 -35.10 15.32
CA ALA A 153 12.87 -35.34 13.93
C ALA A 153 13.69 -34.18 13.39
N ALA A 154 13.25 -32.96 13.66
CA ALA A 154 14.00 -31.79 13.19
C ALA A 154 15.40 -31.78 13.75
N GLU A 155 15.54 -32.12 15.04
CA GLU A 155 16.85 -32.04 15.68
C GLU A 155 17.84 -33.00 15.02
N LYS A 156 17.35 -34.13 14.48
CA LYS A 156 18.21 -35.02 13.71
C LYS A 156 18.88 -34.32 12.55
N LEU A 157 18.30 -33.23 12.07
CA LEU A 157 18.86 -32.51 10.92
C LEU A 157 19.99 -31.56 11.29
N ARG A 158 20.21 -31.28 12.58
CA ARG A 158 21.15 -30.24 12.98
C ARG A 158 22.55 -30.47 12.44
N PRO A 159 23.14 -31.68 12.54
CA PRO A 159 24.47 -31.88 11.93
C PRO A 159 24.56 -31.48 10.47
N ARG A 160 23.66 -31.97 9.63
CA ARG A 160 23.71 -31.63 8.20
C ARG A 160 23.44 -30.14 7.99
N MET A 161 22.52 -29.55 8.75
CA MET A 161 22.25 -28.13 8.58
C MET A 161 23.49 -27.30 8.87
N GLN A 162 24.23 -27.66 9.93
CA GLN A 162 25.42 -26.89 10.27
C GLN A 162 26.46 -26.95 9.17
N ASP A 163 26.63 -28.12 8.55
CA ASP A 163 27.56 -28.23 7.43
C ASP A 163 27.08 -27.38 6.25
N LEU A 164 25.77 -27.37 6.00
CA LEU A 164 25.24 -26.49 4.96
C LEU A 164 25.52 -25.02 5.28
N ILE A 165 25.20 -24.58 6.50
CA ILE A 165 25.44 -23.19 6.87
C ILE A 165 26.93 -22.85 6.76
N ASP A 166 27.78 -23.71 7.34
CA ASP A 166 29.22 -23.46 7.25
C ASP A 166 29.68 -23.32 5.80
N TYR A 167 29.11 -24.12 4.89
CA TYR A 167 29.47 -23.96 3.49
C TYR A 167 29.13 -22.56 2.99
N TYR A 168 27.88 -22.13 3.16
CA TYR A 168 27.46 -20.84 2.63
C TYR A 168 28.20 -19.70 3.31
N LEU A 169 28.46 -19.84 4.61
CA LEU A 169 29.13 -18.77 5.31
C LEU A 169 30.63 -18.70 4.95
N ASP A 170 31.27 -19.86 4.72
CA ASP A 170 32.62 -19.85 4.15
C ASP A 170 32.64 -19.11 2.83
N LYS A 171 31.75 -19.48 1.91
CA LYS A 171 31.68 -18.87 0.59
C LYS A 171 31.41 -17.38 0.67
N MET A 172 30.63 -16.94 1.66
CA MET A 172 30.32 -15.52 1.79
C MET A 172 31.53 -14.74 2.30
N GLU A 173 32.14 -15.22 3.39
CA GLU A 173 33.33 -14.57 3.93
C GLU A 173 34.46 -14.52 2.92
N ALA A 174 34.61 -15.57 2.12
CA ALA A 174 35.67 -15.59 1.13
C ALA A 174 35.40 -14.60 0.01
N GLU A 175 34.13 -14.39 -0.35
CA GLU A 175 33.81 -13.64 -1.56
C GLU A 175 33.87 -12.13 -1.36
N GLY A 176 33.98 -11.64 -0.13
CA GLY A 176 34.17 -10.22 0.06
C GLY A 176 33.18 -9.55 0.98
N ALA A 177 33.68 -8.69 1.86
CA ALA A 177 32.91 -8.25 3.03
C ALA A 177 31.53 -7.64 2.74
N PRO A 178 31.30 -6.80 1.70
CA PRO A 178 29.92 -6.35 1.46
C PRO A 178 29.10 -7.41 0.72
N ALA A 179 28.19 -8.06 1.44
CA ALA A 179 27.47 -9.21 0.89
C ALA A 179 25.96 -9.05 1.02
N ASP A 180 25.25 -9.63 0.07
CA ASP A 180 23.79 -9.70 0.11
C ASP A 180 23.38 -11.01 0.76
N LEU A 181 22.93 -10.93 2.02
CA LEU A 181 22.56 -12.13 2.78
C LEU A 181 21.41 -12.89 2.12
N VAL A 182 20.55 -12.22 1.36
CA VAL A 182 19.48 -12.93 0.67
C VAL A 182 20.04 -13.93 -0.34
N GLN A 183 20.99 -13.47 -1.17
CA GLN A 183 21.63 -14.37 -2.13
C GLN A 183 22.57 -15.33 -1.43
N ALA A 184 23.34 -14.84 -0.45
CA ALA A 184 24.42 -15.64 0.11
C ALA A 184 23.89 -16.79 0.97
N LEU A 185 22.83 -16.56 1.76
CA LEU A 185 22.41 -17.63 2.67
C LEU A 185 20.91 -17.86 2.70
N ALA A 186 20.11 -16.78 2.69
CA ALA A 186 18.70 -16.93 3.06
C ALA A 186 17.92 -17.67 2.00
N LEU A 187 18.24 -17.44 0.72
CA LEU A 187 17.59 -18.23 -0.34
C LEU A 187 18.17 -19.64 -0.41
N PRO A 188 19.47 -19.85 -0.63
CA PRO A 188 19.95 -21.21 -0.92
C PRO A 188 19.90 -22.17 0.26
N PHE A 189 20.19 -21.71 1.48
CA PHE A 189 20.27 -22.67 2.58
C PHE A 189 18.95 -23.40 2.82
N PRO A 190 17.80 -22.74 2.91
CA PRO A 190 16.56 -23.50 3.11
C PRO A 190 16.21 -24.37 1.91
N ALA A 191 16.57 -23.96 0.70
CA ALA A 191 16.39 -24.83 -0.46
C ALA A 191 17.14 -26.15 -0.29
N GLN A 192 18.39 -26.09 0.23
CA GLN A 192 19.14 -27.32 0.48
C GLN A 192 18.45 -28.20 1.50
N VAL A 193 17.95 -27.59 2.59
CA VAL A 193 17.27 -28.36 3.63
C VAL A 193 16.08 -29.11 3.05
N ILE A 194 15.29 -28.42 2.22
CA ILE A 194 14.19 -29.08 1.52
C ILE A 194 14.70 -30.23 0.66
N CYS A 195 15.85 -30.04 0.01
CA CYS A 195 16.43 -31.14 -0.76
C CYS A 195 16.75 -32.33 0.14
N GLU A 196 17.32 -32.07 1.32
CA GLU A 196 17.56 -33.15 2.28
C GLU A 196 16.25 -33.80 2.72
N LEU A 197 15.18 -33.00 2.85
CA LEU A 197 13.89 -33.57 3.27
C LEU A 197 13.30 -34.43 2.17
N ALA A 198 13.44 -34.01 0.92
CA ALA A 198 12.89 -34.75 -0.21
C ALA A 198 13.80 -35.87 -0.70
N GLY A 199 15.03 -35.98 -0.19
CA GLY A 199 15.98 -36.93 -0.74
C GLY A 199 16.40 -36.61 -2.15
N ILE A 200 16.54 -35.34 -2.49
CA ILE A 200 16.89 -34.92 -3.84
C ILE A 200 18.40 -35.09 -3.97
N PRO A 201 18.88 -35.89 -4.92
CA PRO A 201 20.33 -36.06 -5.09
C PRO A 201 21.02 -34.74 -5.47
N GLU A 202 22.32 -34.70 -5.16
CA GLU A 202 23.08 -33.45 -5.26
C GLU A 202 23.15 -32.93 -6.68
N ASN A 203 23.09 -33.82 -7.67
CA ASN A 203 23.28 -33.39 -9.06
C ASN A 203 22.06 -32.64 -9.59
N ASP A 204 20.91 -32.77 -8.92
CA ASP A 204 19.69 -32.06 -9.26
C ASP A 204 19.46 -30.81 -8.41
N ARG A 205 20.29 -30.54 -7.40
CA ARG A 205 19.94 -29.51 -6.42
C ARG A 205 20.16 -28.10 -6.94
N GLU A 206 21.08 -27.88 -7.88
CA GLU A 206 21.32 -26.55 -8.43
C GLU A 206 20.10 -26.06 -9.22
N ILE A 207 19.48 -26.97 -9.98
CA ILE A 207 18.31 -26.58 -10.77
C ILE A 207 17.10 -26.39 -9.86
N PHE A 208 16.90 -27.32 -8.92
CA PHE A 208 15.80 -27.17 -7.96
C PHE A 208 15.94 -25.87 -7.18
N THR A 209 17.17 -25.52 -6.80
CA THR A 209 17.39 -24.31 -6.02
C THR A 209 17.04 -23.06 -6.81
N ARG A 210 17.51 -22.97 -8.05
CA ARG A 210 17.21 -21.78 -8.85
C ARG A 210 15.73 -21.69 -9.17
N ASN A 211 15.05 -22.83 -9.34
CA ASN A 211 13.62 -22.78 -9.60
C ASN A 211 12.84 -22.30 -8.38
N ALA A 212 13.21 -22.77 -7.18
CA ALA A 212 12.58 -22.28 -5.96
C ALA A 212 12.81 -20.79 -5.78
N ALA A 213 14.01 -20.32 -6.09
CA ALA A 213 14.28 -18.89 -6.01
C ALA A 213 13.38 -18.12 -6.96
N ILE A 214 13.13 -18.68 -8.16
CA ILE A 214 12.29 -17.98 -9.13
C ILE A 214 10.89 -17.80 -8.57
N MET A 215 10.36 -18.82 -7.88
CA MET A 215 8.97 -18.71 -7.52
C MET A 215 8.73 -17.78 -6.35
N VAL A 216 9.73 -17.54 -5.51
CA VAL A 216 9.54 -16.64 -4.38
C VAL A 216 10.02 -15.22 -4.65
N GLY A 217 10.72 -14.98 -5.77
CA GLY A 217 11.20 -13.65 -6.05
C GLY A 217 10.08 -12.70 -6.42
N THR A 218 10.35 -11.39 -6.27
CA THR A 218 9.35 -10.42 -6.69
C THR A 218 9.19 -10.43 -8.20
N ARG A 219 8.14 -9.74 -8.66
CA ARG A 219 7.88 -9.58 -10.09
C ARG A 219 9.03 -8.92 -10.82
N HIS A 220 9.96 -8.25 -10.12
CA HIS A 220 11.06 -7.58 -10.78
C HIS A 220 12.30 -8.44 -10.88
N SER A 221 12.46 -9.41 -9.97
CA SER A 221 13.52 -10.39 -10.16
C SER A 221 13.21 -11.31 -11.36
N TYR A 222 11.96 -11.75 -11.50
CA TYR A 222 11.57 -12.74 -12.48
C TYR A 222 10.19 -12.41 -13.03
N THR A 223 9.91 -12.93 -14.22
CA THR A 223 8.66 -12.65 -14.92
C THR A 223 7.59 -13.68 -14.59
N MET A 224 6.32 -13.28 -14.71
CA MET A 224 5.24 -14.24 -14.50
C MET A 224 5.31 -15.35 -15.53
N GLU A 225 5.76 -15.04 -16.74
CA GLU A 225 6.07 -16.11 -17.69
C GLU A 225 7.28 -16.91 -17.22
N GLN A 226 8.31 -16.22 -16.74
CA GLN A 226 9.49 -16.89 -16.22
C GLN A 226 9.19 -17.72 -14.99
N LYS A 227 8.14 -17.37 -14.25
CA LYS A 227 7.79 -18.07 -13.02
C LYS A 227 6.99 -19.33 -13.31
N LEU A 228 5.95 -19.21 -14.13
CA LEU A 228 5.16 -20.39 -14.49
C LEU A 228 6.02 -21.43 -15.20
N ALA A 229 7.06 -20.98 -15.90
CA ALA A 229 8.05 -21.89 -16.45
C ALA A 229 8.67 -22.75 -15.34
N ALA A 230 9.18 -22.10 -14.29
CA ALA A 230 9.78 -22.84 -13.18
C ALA A 230 8.75 -23.67 -12.43
N ASN A 231 7.49 -23.23 -12.39
CA ASN A 231 6.46 -24.03 -11.73
C ASN A 231 6.30 -25.38 -12.41
N GLU A 232 6.10 -25.39 -13.73
CA GLU A 232 5.86 -26.67 -14.39
C GLU A 232 7.14 -27.49 -14.50
N GLU A 233 8.29 -26.84 -14.57
CA GLU A 233 9.56 -27.53 -14.38
C GLU A 233 9.58 -28.27 -13.04
N LEU A 234 9.17 -27.58 -11.97
CA LEU A 234 9.17 -28.21 -10.65
C LEU A 234 8.08 -29.28 -10.54
N MET A 235 6.93 -29.04 -11.16
CA MET A 235 5.86 -30.04 -11.08
C MET A 235 6.21 -31.29 -11.86
N LYS A 236 6.90 -31.13 -12.99
CA LYS A 236 7.44 -32.29 -13.68
C LYS A 236 8.45 -33.01 -12.80
N TYR A 237 9.35 -32.26 -12.19
CA TYR A 237 10.36 -32.86 -11.31
C TYR A 237 9.71 -33.58 -10.14
N PHE A 238 8.66 -33.01 -9.55
CA PHE A 238 8.01 -33.63 -8.41
C PHE A 238 7.30 -34.92 -8.81
N ALA A 239 6.64 -34.92 -9.97
CA ALA A 239 5.98 -36.14 -10.43
C ALA A 239 7.00 -37.24 -10.73
N ALA A 240 8.20 -36.89 -11.20
CA ALA A 240 9.22 -37.90 -11.40
C ALA A 240 9.84 -38.34 -10.08
N LEU A 241 9.92 -37.43 -9.12
CA LEU A 241 10.40 -37.80 -7.80
C LEU A 241 9.44 -38.74 -7.09
N VAL A 242 8.13 -38.56 -7.30
CA VAL A 242 7.15 -39.49 -6.73
C VAL A 242 7.38 -40.88 -7.28
N THR A 243 7.45 -41.00 -8.61
CA THR A 243 7.71 -42.28 -9.25
C THR A 243 8.99 -42.93 -8.72
N GLU A 244 10.05 -42.13 -8.56
CA GLU A 244 11.31 -42.65 -8.07
C GLU A 244 11.19 -43.23 -6.66
N LYS A 245 10.43 -42.58 -5.78
CA LYS A 245 10.31 -43.09 -4.44
C LYS A 245 9.34 -44.25 -4.34
N GLN A 246 8.40 -44.35 -5.28
CA GLN A 246 7.52 -45.51 -5.31
C GLN A 246 8.28 -46.77 -5.74
N SER A 247 9.31 -46.63 -6.57
CA SER A 247 10.07 -47.79 -7.03
C SER A 247 11.35 -48.04 -6.24
N ASN A 248 12.04 -47.00 -5.78
CA ASN A 248 13.22 -47.13 -4.92
C ASN A 248 12.93 -46.35 -3.63
N PRO A 249 12.24 -46.95 -2.67
CA PRO A 249 11.84 -46.20 -1.48
C PRO A 249 13.04 -45.68 -0.69
N THR A 250 12.81 -44.60 0.06
CA THR A 250 13.81 -43.98 0.91
C THR A 250 13.21 -43.65 2.27
N ASP A 251 14.08 -43.41 3.24
CA ASP A 251 13.70 -43.09 4.60
C ASP A 251 13.70 -41.58 4.86
N ASP A 252 13.70 -40.76 3.80
CA ASP A 252 13.59 -39.33 4.06
C ASP A 252 12.13 -38.95 4.28
N MET A 253 11.90 -37.68 4.62
CA MET A 253 10.54 -37.22 4.86
C MET A 253 9.63 -37.57 3.70
N LEU A 254 10.05 -37.18 2.49
CA LEU A 254 9.18 -37.37 1.33
C LEU A 254 8.99 -38.84 1.00
N GLY A 255 10.03 -39.66 1.19
CA GLY A 255 9.91 -41.08 0.93
C GLY A 255 8.95 -41.74 1.90
N ASN A 256 9.09 -41.42 3.19
CA ASN A 256 8.19 -42.00 4.20
C ASN A 256 6.75 -41.64 3.92
N PHE A 257 6.50 -40.36 3.61
CA PHE A 257 5.13 -39.96 3.31
C PHE A 257 4.56 -40.70 2.10
N ILE A 258 5.34 -40.82 1.02
CA ILE A 258 4.85 -41.52 -0.16
C ILE A 258 4.52 -42.98 0.18
N ALA A 259 5.40 -43.63 0.94
CA ALA A 259 5.11 -45.01 1.35
C ALA A 259 3.85 -45.07 2.20
N ARG A 260 3.78 -44.26 3.26
CA ARG A 260 2.59 -44.26 4.11
C ARG A 260 1.33 -43.99 3.30
N ALA A 261 1.43 -43.11 2.29
CA ALA A 261 0.28 -42.82 1.45
C ALA A 261 -0.07 -44.01 0.57
N GLY A 262 0.95 -44.76 0.13
CA GLY A 262 0.71 -45.91 -0.73
C GLY A 262 -0.01 -47.06 -0.06
N LYS A 263 0.05 -47.13 1.27
CA LYS A 263 -0.72 -48.10 2.04
C LYS A 263 -2.21 -47.78 2.07
N THR A 264 -2.65 -46.69 1.42
CA THR A 264 -4.06 -46.33 1.41
C THR A 264 -4.52 -46.03 0.00
N ASP A 265 -5.75 -45.56 -0.14
CA ASP A 265 -6.29 -45.17 -1.44
C ASP A 265 -6.45 -43.65 -1.53
N GLU A 266 -5.61 -42.91 -0.82
CA GLU A 266 -5.89 -41.48 -0.63
C GLU A 266 -5.52 -40.67 -1.86
N PHE A 267 -4.45 -41.02 -2.55
CA PHE A 267 -3.96 -40.19 -3.65
C PHE A 267 -3.67 -41.02 -4.89
N ASP A 268 -4.02 -40.47 -6.05
CA ASP A 268 -3.42 -40.91 -7.29
C ASP A 268 -2.06 -40.22 -7.44
N HIS A 269 -1.42 -40.41 -8.60
CA HIS A 269 -0.08 -39.86 -8.81
C HIS A 269 -0.10 -38.33 -8.86
N HIS A 270 -1.09 -37.74 -9.55
CA HIS A 270 -1.24 -36.29 -9.56
C HIS A 270 -1.42 -35.76 -8.15
N GLY A 271 -2.16 -36.48 -7.31
CA GLY A 271 -2.32 -36.06 -5.93
C GLY A 271 -1.01 -36.03 -5.17
N LEU A 272 -0.24 -37.12 -5.28
CA LEU A 272 1.05 -37.19 -4.61
C LEU A 272 1.99 -36.13 -5.13
N THR A 273 1.81 -35.72 -6.38
CA THR A 273 2.66 -34.67 -6.93
C THR A 273 2.32 -33.33 -6.31
N LEU A 274 1.03 -33.00 -6.21
CA LEU A 274 0.59 -31.79 -5.53
C LEU A 274 1.05 -31.78 -4.07
N MET A 275 0.72 -32.86 -3.34
CA MET A 275 1.17 -33.00 -1.96
C MET A 275 2.67 -32.82 -1.84
N THR A 276 3.44 -33.33 -2.80
CA THR A 276 4.88 -33.20 -2.73
C THR A 276 5.31 -31.75 -2.87
N LYS A 277 4.65 -31.01 -3.76
CA LYS A 277 4.89 -29.56 -3.90
C LYS A 277 4.61 -28.83 -2.59
N MET A 278 3.50 -29.16 -1.93
CA MET A 278 3.16 -28.50 -0.69
C MET A 278 4.14 -28.83 0.43
N LEU A 279 4.39 -30.12 0.68
CA LEU A 279 5.28 -30.52 1.77
C LEU A 279 6.67 -29.94 1.63
N LEU A 280 7.11 -29.68 0.40
CA LEU A 280 8.45 -29.16 0.18
C LEU A 280 8.51 -27.64 0.09
N LEU A 281 7.50 -26.99 -0.49
CA LEU A 281 7.60 -25.57 -0.82
C LEU A 281 6.67 -24.65 -0.04
N ALA A 282 5.78 -25.19 0.80
CA ALA A 282 4.78 -24.33 1.46
C ALA A 282 5.43 -23.25 2.31
N GLY A 283 6.54 -23.56 2.98
CA GLY A 283 7.11 -22.58 3.86
C GLY A 283 8.34 -21.86 3.34
N TYR A 284 8.75 -22.13 2.09
CA TYR A 284 10.04 -21.65 1.62
C TYR A 284 10.11 -20.12 1.66
N GLU A 285 9.12 -19.45 1.06
CA GLU A 285 9.16 -17.99 1.06
C GLU A 285 9.16 -17.42 2.49
N PHE A 286 8.46 -18.05 3.42
CA PHE A 286 8.43 -17.54 4.79
C PHE A 286 9.79 -17.62 5.43
N ILE A 287 10.41 -18.81 5.41
CA ILE A 287 11.67 -18.96 6.14
C ILE A 287 12.79 -18.19 5.46
N VAL A 288 12.76 -18.09 4.13
CA VAL A 288 13.76 -17.27 3.44
C VAL A 288 13.74 -15.85 4.01
N ASN A 289 12.57 -15.25 4.08
CA ASN A 289 12.51 -13.86 4.49
C ASN A 289 12.72 -13.69 5.99
N ARG A 290 12.33 -14.65 6.81
CA ARG A 290 12.55 -14.53 8.24
C ARG A 290 14.05 -14.50 8.57
N ILE A 291 14.85 -15.32 7.87
CA ILE A 291 16.29 -15.32 8.12
C ILE A 291 16.84 -13.94 7.89
N ALA A 292 16.49 -13.34 6.75
CA ALA A 292 16.99 -12.00 6.44
C ALA A 292 16.38 -10.96 7.37
N LEU A 293 15.06 -11.01 7.60
CA LEU A 293 14.41 -10.03 8.46
C LEU A 293 14.93 -10.10 9.90
N GLY A 294 15.22 -11.31 10.39
CA GLY A 294 15.78 -11.46 11.73
C GLY A 294 17.15 -10.82 11.90
N ILE A 295 18.00 -10.96 10.89
CA ILE A 295 19.32 -10.34 10.99
C ILE A 295 19.20 -8.83 10.95
N GLN A 296 18.31 -8.31 10.09
CA GLN A 296 18.07 -6.88 10.05
C GLN A 296 17.59 -6.36 11.40
N ALA A 297 16.65 -7.08 12.03
CA ALA A 297 16.13 -6.66 13.34
C ALA A 297 17.24 -6.58 14.39
N LEU A 298 18.11 -7.59 14.41
CA LEU A 298 19.18 -7.60 15.40
C LEU A 298 20.14 -6.45 15.16
N VAL A 299 20.53 -6.22 13.91
CA VAL A 299 21.47 -5.13 13.64
C VAL A 299 20.81 -3.79 13.91
N GLU A 300 19.53 -3.66 13.60
CA GLU A 300 18.84 -2.39 13.86
C GLU A 300 18.65 -2.15 15.34
N ASN A 301 18.87 -3.17 16.16
CA ASN A 301 18.78 -3.07 17.62
C ASN A 301 20.08 -3.56 18.24
N PRO A 302 21.17 -2.80 18.08
CA PRO A 302 22.49 -3.26 18.55
C PRO A 302 22.53 -3.65 20.02
N GLU A 303 21.75 -3.01 20.88
CA GLU A 303 21.73 -3.40 22.28
C GLU A 303 21.16 -4.80 22.47
N GLN A 304 20.22 -5.23 21.61
CA GLN A 304 19.67 -6.57 21.74
C GLN A 304 20.59 -7.60 21.11
N LEU A 305 21.23 -7.23 20.00
CA LEU A 305 22.29 -8.05 19.44
C LEU A 305 23.38 -8.29 20.49
N ALA A 306 23.82 -7.23 21.16
CA ALA A 306 24.89 -7.41 22.16
C ALA A 306 24.44 -8.33 23.29
N ALA A 307 23.19 -8.21 23.76
CA ALA A 307 22.74 -9.07 24.85
C ALA A 307 22.53 -10.50 24.37
N LEU A 308 22.12 -10.68 23.12
CA LEU A 308 22.01 -12.02 22.56
C LEU A 308 23.38 -12.71 22.56
N ARG A 309 24.40 -12.04 22.02
CA ARG A 309 25.75 -12.63 21.96
C ARG A 309 26.29 -12.97 23.35
N ALA A 310 25.88 -12.23 24.38
CA ALA A 310 26.36 -12.45 25.74
C ALA A 310 25.67 -13.61 26.46
N ASP A 311 24.49 -14.00 26.00
CA ASP A 311 23.67 -15.03 26.63
C ASP A 311 22.91 -15.80 25.54
N LEU A 312 23.63 -16.36 24.58
CA LEU A 312 22.98 -17.14 23.52
C LEU A 312 22.04 -18.22 24.05
N PRO A 313 22.39 -19.02 25.06
CA PRO A 313 21.44 -20.08 25.47
C PRO A 313 20.11 -19.53 25.97
N GLY A 314 20.13 -18.45 26.76
CA GLY A 314 18.90 -17.97 27.34
C GLY A 314 18.11 -17.06 26.42
N LEU A 315 18.79 -16.36 25.50
CA LEU A 315 18.12 -15.35 24.71
C LEU A 315 17.82 -15.78 23.28
N MET A 316 18.53 -16.75 22.71
CA MET A 316 18.23 -17.14 21.34
C MET A 316 16.84 -17.74 21.19
N PRO A 317 16.35 -18.61 22.08
CA PRO A 317 14.94 -19.04 21.97
C PRO A 317 13.98 -17.90 21.89
N LYS A 318 14.19 -16.87 22.70
CA LYS A 318 13.29 -15.73 22.72
C LYS A 318 13.46 -14.89 21.47
N THR A 319 14.65 -14.91 20.88
CA THR A 319 14.91 -14.13 19.68
C THR A 319 14.17 -14.74 18.50
N VAL A 320 14.21 -16.07 18.39
CA VAL A 320 13.46 -16.78 17.37
C VAL A 320 11.97 -16.48 17.51
N ASP A 321 11.43 -16.59 18.73
CA ASP A 321 10.02 -16.23 19.00
C ASP A 321 9.69 -14.82 18.51
N GLU A 322 10.57 -13.86 18.79
CA GLU A 322 10.24 -12.48 18.46
C GLU A 322 10.42 -12.21 16.97
N VAL A 323 11.36 -12.90 16.31
CA VAL A 323 11.45 -12.79 14.85
C VAL A 323 10.21 -13.40 14.21
N LEU A 324 9.72 -14.51 14.76
CA LEU A 324 8.47 -15.08 14.25
C LEU A 324 7.31 -14.14 14.47
N ARG A 325 7.15 -13.60 15.69
CA ARG A 325 6.00 -12.75 16.01
C ARG A 325 6.04 -11.45 15.25
N TYR A 326 7.18 -10.75 15.29
CA TYR A 326 7.25 -9.39 14.79
C TYR A 326 7.00 -9.31 13.29
N TYR A 327 7.47 -10.31 12.55
CA TYR A 327 7.38 -10.22 11.10
C TYR A 327 6.17 -10.95 10.54
N SER A 328 5.25 -11.43 11.40
CA SER A 328 3.96 -11.90 10.93
C SER A 328 3.24 -10.84 10.12
N LEU A 329 3.50 -9.56 10.41
CA LEU A 329 2.90 -8.45 9.68
C LEU A 329 3.04 -8.58 8.16
N VAL A 330 4.15 -9.16 7.67
CA VAL A 330 4.36 -9.27 6.22
C VAL A 330 3.99 -10.66 5.71
N ASP A 331 3.33 -11.48 6.51
CA ASP A 331 2.82 -12.77 6.05
C ASP A 331 1.40 -12.61 5.48
N GLU A 332 0.90 -13.67 4.88
CA GLU A 332 -0.41 -13.61 4.24
C GLU A 332 -1.55 -13.83 5.24
N ILE A 333 -2.76 -13.48 4.81
CA ILE A 333 -3.99 -13.74 5.56
C ILE A 333 -4.26 -15.24 5.63
N ILE A 334 -4.89 -15.68 6.72
CA ILE A 334 -5.44 -17.01 6.87
C ILE A 334 -6.95 -16.89 6.71
N ALA A 335 -7.54 -17.74 5.84
CA ALA A 335 -8.95 -17.67 5.48
C ALA A 335 -9.67 -18.97 5.81
N ARG A 336 -10.94 -18.85 6.21
CA ARG A 336 -11.86 -19.95 6.43
C ARG A 336 -13.25 -19.52 6.01
N VAL A 337 -14.14 -20.50 5.83
CA VAL A 337 -15.57 -20.24 5.69
C VAL A 337 -16.29 -21.00 6.81
N ALA A 338 -17.33 -20.38 7.35
CA ALA A 338 -18.10 -21.00 8.42
C ALA A 338 -19.07 -22.02 7.83
N LEU A 339 -19.13 -23.21 8.41
CA LEU A 339 -20.11 -24.19 7.95
C LEU A 339 -21.40 -24.14 8.74
N GLU A 340 -21.36 -23.57 9.96
CA GLU A 340 -22.53 -23.22 10.74
C GLU A 340 -22.29 -21.84 11.34
N ASP A 341 -23.37 -21.27 11.88
CA ASP A 341 -23.28 -20.00 12.60
C ASP A 341 -22.27 -20.12 13.73
N VAL A 342 -21.50 -19.06 13.96
CA VAL A 342 -20.51 -19.01 15.04
C VAL A 342 -20.67 -17.69 15.76
N GLU A 343 -21.05 -17.75 17.03
CA GLU A 343 -21.16 -16.51 17.85
C GLU A 343 -19.84 -16.23 18.55
N ILE A 344 -19.43 -14.97 18.56
CA ILE A 344 -18.19 -14.55 19.27
C ILE A 344 -18.33 -13.09 19.65
N ASP A 345 -17.90 -12.75 20.86
CA ASP A 345 -17.98 -11.37 21.37
C ASP A 345 -19.44 -10.93 21.29
N GLY A 346 -19.78 -10.15 20.27
CA GLY A 346 -21.17 -9.71 20.29
C GLY A 346 -21.79 -10.02 18.96
N VAL A 347 -21.06 -10.82 18.21
CA VAL A 347 -21.19 -10.95 16.77
C VAL A 347 -21.55 -12.38 16.46
N THR A 348 -22.35 -12.57 15.44
CA THR A 348 -22.62 -13.91 14.93
C THR A 348 -22.08 -13.98 13.51
N ILE A 349 -21.12 -14.87 13.31
CA ILE A 349 -20.58 -15.17 11.99
C ILE A 349 -21.48 -16.22 11.38
N LYS A 350 -22.27 -15.82 10.38
CA LYS A 350 -23.31 -16.71 9.88
C LYS A 350 -22.73 -17.74 8.92
N ALA A 351 -23.51 -18.81 8.73
CA ALA A 351 -23.03 -19.99 8.01
C ALA A 351 -22.45 -19.66 6.64
N GLY A 352 -23.06 -18.77 5.89
CA GLY A 352 -22.32 -18.64 4.62
C GLY A 352 -20.99 -17.87 4.66
N GLU A 353 -20.55 -17.36 5.82
CA GLU A 353 -19.64 -16.23 5.87
C GLU A 353 -18.18 -16.63 6.10
N GLY A 354 -17.26 -15.80 5.54
CA GLY A 354 -15.83 -16.04 5.71
C GLY A 354 -15.25 -15.30 6.90
N ILE A 355 -14.10 -15.79 7.36
CA ILE A 355 -13.22 -15.04 8.25
C ILE A 355 -11.92 -14.83 7.51
N LEU A 356 -11.41 -13.61 7.61
CA LEU A 356 -10.11 -13.26 7.06
C LEU A 356 -9.28 -12.95 8.29
N VAL A 357 -8.41 -13.89 8.67
CA VAL A 357 -7.59 -13.71 9.86
C VAL A 357 -6.37 -12.88 9.50
N LEU A 358 -6.32 -11.66 10.05
CA LEU A 358 -5.19 -10.75 9.83
C LEU A 358 -4.07 -11.16 10.79
N LYS A 359 -3.43 -12.27 10.42
CA LYS A 359 -2.50 -12.95 11.31
C LYS A 359 -1.43 -11.99 11.83
N GLY A 360 -0.91 -11.13 10.96
CA GLY A 360 0.15 -10.23 11.36
C GLY A 360 -0.30 -9.17 12.33
N LEU A 361 -1.50 -8.63 12.15
CA LEU A 361 -2.05 -7.71 13.13
C LEU A 361 -2.32 -8.39 14.47
N GLY A 362 -2.78 -9.63 14.44
CA GLY A 362 -2.94 -10.37 15.67
C GLY A 362 -1.64 -10.47 16.44
N ASP A 363 -0.53 -10.63 15.73
CA ASP A 363 0.76 -10.66 16.41
C ASP A 363 1.23 -9.25 16.78
N ARG A 364 0.47 -8.22 16.43
CA ARG A 364 0.72 -6.85 16.89
C ARG A 364 -0.39 -6.38 17.84
N ASP A 365 -1.06 -7.32 18.49
CA ASP A 365 -2.20 -6.97 19.32
C ASP A 365 -1.73 -6.33 20.62
N PRO A 366 -2.07 -5.07 20.88
CA PRO A 366 -1.60 -4.41 22.12
C PRO A 366 -2.11 -5.04 23.40
N SER A 367 -3.28 -5.69 23.39
CA SER A 367 -3.73 -6.31 24.64
C SER A 367 -3.09 -7.68 24.90
N LYS A 368 -2.32 -8.20 23.95
CA LYS A 368 -1.54 -9.40 24.14
C LYS A 368 -0.05 -9.12 24.30
N TYR A 369 0.50 -8.17 23.55
CA TYR A 369 1.92 -7.83 23.62
C TYR A 369 2.07 -6.34 23.93
N PRO A 370 2.47 -5.94 25.13
CA PRO A 370 2.71 -4.51 25.40
C PRO A 370 3.71 -3.93 24.42
N ASN A 371 3.43 -2.70 23.95
CA ASN A 371 4.23 -2.05 22.92
C ASN A 371 4.43 -3.00 21.74
N PRO A 372 3.35 -3.44 21.08
CA PRO A 372 3.49 -4.58 20.15
C PRO A 372 4.32 -4.25 18.94
N ASP A 373 4.45 -2.97 18.61
CA ASP A 373 5.16 -2.61 17.41
C ASP A 373 6.61 -2.29 17.68
N VAL A 374 7.09 -2.68 18.85
CA VAL A 374 8.52 -2.65 19.20
C VAL A 374 9.06 -4.06 19.07
N PHE A 375 10.10 -4.25 18.26
CA PHE A 375 10.87 -5.48 18.27
C PHE A 375 11.65 -5.58 19.58
N ASP A 376 11.40 -6.61 20.38
CA ASP A 376 12.05 -6.74 21.68
C ASP A 376 12.24 -8.21 22.01
N ILE A 377 13.47 -8.71 21.85
CA ILE A 377 13.72 -10.13 22.07
C ILE A 377 13.45 -10.55 23.50
N HIS A 378 13.47 -9.61 24.44
CA HIS A 378 13.25 -9.89 25.86
C HIS A 378 11.79 -10.11 26.21
N ARG A 379 10.85 -9.81 25.32
CA ARG A 379 9.46 -9.98 25.66
C ARG A 379 9.06 -11.44 25.65
N ASP A 380 7.85 -11.72 26.16
CA ASP A 380 7.25 -13.04 26.06
C ASP A 380 6.52 -13.14 24.74
N SER A 381 7.09 -13.90 23.80
CA SER A 381 6.46 -14.12 22.50
C SER A 381 6.12 -15.58 22.25
N ARG A 382 6.07 -16.41 23.29
CA ARG A 382 5.89 -17.84 23.09
C ARG A 382 4.54 -18.17 22.47
N ASP A 383 3.52 -17.33 22.71
CA ASP A 383 2.16 -17.56 22.23
C ASP A 383 1.90 -16.95 20.86
N HIS A 384 2.94 -16.68 20.07
CA HIS A 384 2.80 -15.95 18.81
C HIS A 384 1.98 -16.76 17.81
N LEU A 385 1.49 -16.07 16.79
CA LEU A 385 0.61 -16.65 15.77
C LEU A 385 1.28 -16.90 14.42
N ALA A 386 2.61 -16.78 14.32
CA ALA A 386 3.25 -16.86 13.00
C ALA A 386 2.98 -18.19 12.31
N PHE A 387 2.91 -19.29 13.06
CA PHE A 387 2.61 -20.61 12.50
C PHE A 387 1.11 -20.93 12.46
N GLY A 388 0.25 -19.95 12.74
CA GLY A 388 -1.18 -20.24 12.73
C GLY A 388 -1.62 -20.88 14.03
N TYR A 389 -2.74 -21.61 13.95
CA TYR A 389 -3.38 -22.08 15.17
C TYR A 389 -4.43 -23.12 14.82
N GLY A 390 -4.65 -24.07 15.72
CA GLY A 390 -5.61 -25.12 15.44
C GLY A 390 -5.03 -26.22 14.55
N VAL A 391 -5.92 -26.93 13.85
CA VAL A 391 -5.54 -28.18 13.20
C VAL A 391 -4.53 -27.95 12.08
N HIS A 392 -4.59 -26.81 11.40
CA HIS A 392 -3.71 -26.52 10.28
C HIS A 392 -2.40 -25.84 10.68
N GLN A 393 -2.16 -25.63 11.97
CA GLN A 393 -0.93 -24.97 12.40
C GLN A 393 0.29 -25.61 11.73
N CYS A 394 1.25 -24.76 11.34
CA CYS A 394 2.31 -25.13 10.41
C CYS A 394 2.94 -26.49 10.68
N LEU A 395 2.86 -27.39 9.69
CA LEU A 395 3.50 -28.69 9.79
C LEU A 395 5.02 -28.57 9.86
N GLY A 396 5.59 -27.61 9.15
CA GLY A 396 7.04 -27.43 9.11
C GLY A 396 7.62 -26.61 10.23
N GLN A 397 6.82 -26.25 11.24
CA GLN A 397 7.22 -25.25 12.22
C GLN A 397 8.50 -25.63 12.94
N HIS A 398 8.70 -26.91 13.27
CA HIS A 398 9.89 -27.29 14.02
C HIS A 398 11.13 -27.25 13.14
N VAL A 399 11.00 -27.65 11.88
CA VAL A 399 12.12 -27.48 10.94
C VAL A 399 12.38 -26.01 10.69
N ALA A 400 11.31 -25.22 10.58
CA ALA A 400 11.48 -23.78 10.35
C ALA A 400 12.19 -23.12 11.53
N ARG A 401 11.78 -23.47 12.75
CA ARG A 401 12.40 -22.87 13.93
CA ARG A 401 12.41 -22.89 13.94
C ARG A 401 13.90 -23.16 13.97
N LEU A 402 14.28 -24.41 13.65
CA LEU A 402 15.67 -24.82 13.74
C LEU A 402 16.50 -24.14 12.66
N MET A 403 15.98 -24.08 11.43
CA MET A 403 16.67 -23.34 10.38
C MET A 403 16.93 -21.90 10.81
N LEU A 404 15.91 -21.22 11.31
CA LEU A 404 16.07 -19.84 11.71
C LEU A 404 17.09 -19.71 12.83
N GLU A 405 16.96 -20.55 13.85
CA GLU A 405 17.86 -20.43 15.01
C GLU A 405 19.30 -20.65 14.59
N MET A 406 19.56 -21.71 13.83
CA MET A 406 20.92 -22.06 13.45
C MET A 406 21.56 -20.97 12.59
N CYS A 407 20.76 -20.35 11.71
CA CYS A 407 21.28 -19.27 10.88
C CYS A 407 21.65 -18.05 11.72
N LEU A 408 20.77 -17.65 12.64
CA LEU A 408 21.06 -16.48 13.46
C LEU A 408 22.26 -16.76 14.37
N THR A 409 22.32 -17.96 14.94
CA THR A 409 23.43 -18.30 15.83
C THR A 409 24.75 -18.28 15.08
N SER A 410 24.79 -18.85 13.88
CA SER A 410 26.06 -18.94 13.16
C SER A 410 26.49 -17.57 12.64
N LEU A 411 25.56 -16.75 12.13
CA LEU A 411 25.96 -15.43 11.64
C LEU A 411 26.44 -14.54 12.78
N VAL A 412 25.71 -14.53 13.88
CA VAL A 412 26.03 -13.65 15.01
C VAL A 412 27.38 -14.02 15.61
N GLU A 413 27.68 -15.32 15.69
CA GLU A 413 28.96 -15.77 16.24
C GLU A 413 30.10 -15.50 15.27
N ARG A 414 29.91 -15.85 14.00
CA ARG A 414 31.02 -15.87 13.06
C ARG A 414 31.51 -14.48 12.67
N PHE A 415 30.64 -13.45 12.74
CA PHE A 415 30.98 -12.12 12.23
C PHE A 415 30.76 -11.08 13.32
N PRO A 416 31.75 -10.88 14.19
CA PRO A 416 31.55 -9.96 15.32
C PRO A 416 31.20 -8.56 14.88
N GLY A 417 31.80 -8.09 13.79
CA GLY A 417 31.54 -6.76 13.28
C GLY A 417 30.26 -6.60 12.50
N LEU A 418 29.38 -7.61 12.50
CA LEU A 418 28.15 -7.63 11.70
C LEU A 418 27.39 -6.31 11.75
N HIS A 419 27.12 -5.76 10.58
CA HIS A 419 26.40 -4.49 10.44
C HIS A 419 25.67 -4.46 9.11
N LEU A 420 24.79 -3.47 8.95
CA LEU A 420 24.11 -3.26 7.67
C LEU A 420 24.89 -2.24 6.85
N VAL A 421 25.04 -2.51 5.56
CA VAL A 421 25.74 -1.61 4.65
C VAL A 421 24.65 -0.91 3.84
N GLU A 422 24.17 0.21 4.37
CA GLU A 422 23.09 0.97 3.76
C GLU A 422 23.13 2.38 4.32
N GLY A 423 22.46 3.30 3.63
CA GLY A 423 22.41 4.70 4.00
C GLY A 423 23.33 5.60 3.18
N ASP A 424 24.31 5.04 2.49
CA ASP A 424 25.27 5.83 1.74
C ASP A 424 25.02 5.81 0.23
N GLU A 425 24.37 4.78 -0.28
CA GLU A 425 24.10 4.68 -1.70
C GLU A 425 22.61 4.85 -1.98
N PRO A 426 22.25 5.38 -3.15
CA PRO A 426 20.83 5.53 -3.48
C PRO A 426 20.12 4.18 -3.61
N ILE A 427 19.00 4.04 -2.90
CA ILE A 427 18.13 2.88 -2.98
C ILE A 427 17.39 2.87 -4.32
N GLU A 428 17.34 1.72 -4.97
CA GLU A 428 16.47 1.60 -6.14
C GLU A 428 15.00 1.49 -5.69
N LEU A 429 14.13 2.25 -6.38
CA LEU A 429 12.67 2.19 -6.20
C LEU A 429 12.03 2.07 -7.58
N ILE A 430 11.04 1.18 -7.69
CA ILE A 430 10.19 1.12 -8.86
C ILE A 430 8.75 1.18 -8.36
N ASP A 431 7.96 2.09 -8.94
CA ASP A 431 6.65 2.42 -8.39
C ASP A 431 6.76 2.77 -6.91
N GLY A 432 7.90 3.31 -6.50
CA GLY A 432 8.04 3.74 -5.13
C GLY A 432 8.45 2.66 -4.13
N LEU A 433 8.67 1.42 -4.57
CA LEU A 433 9.05 0.30 -3.72
C LEU A 433 10.43 -0.28 -4.07
N PRO A 434 11.16 -0.80 -3.08
CA PRO A 434 12.32 -1.65 -3.38
C PRO A 434 11.92 -2.73 -4.38
N PRO A 435 12.65 -2.84 -5.51
CA PRO A 435 12.20 -3.78 -6.54
C PRO A 435 12.40 -5.24 -6.16
N VAL A 436 13.42 -5.58 -5.36
CA VAL A 436 13.69 -6.97 -5.01
C VAL A 436 14.05 -7.10 -3.54
N HIS A 437 13.89 -8.31 -3.02
CA HIS A 437 14.40 -8.67 -1.69
C HIS A 437 15.92 -8.65 -1.69
N LYS A 438 16.50 -7.88 -0.78
CA LYS A 438 17.95 -7.72 -0.70
C LYS A 438 18.27 -7.30 0.74
N LEU A 439 19.40 -7.77 1.28
CA LEU A 439 19.87 -7.29 2.59
C LEU A 439 21.38 -7.24 2.57
N THR A 440 21.94 -6.05 2.37
CA THR A 440 23.38 -5.92 2.28
C THR A 440 23.97 -5.79 3.66
N ILE A 441 24.88 -6.70 4.00
CA ILE A 441 25.53 -6.73 5.30
C ILE A 441 27.04 -6.58 5.10
N GLY A 442 27.75 -6.34 6.20
CA GLY A 442 29.20 -6.29 6.23
C GLY A 442 29.68 -6.74 7.60
N TRP A 443 30.99 -6.92 7.74
CA TRP A 443 31.57 -7.39 9.00
C TRP A 443 33.03 -6.96 9.17
N ALA B 45 0.92 5.02 19.33
CA ALA B 45 -0.13 6.02 19.46
C ALA B 45 -0.74 6.32 18.10
N LYS B 46 -0.51 7.52 17.59
CA LYS B 46 -1.08 7.98 16.33
C LYS B 46 -0.01 8.01 15.25
N CYS B 47 -0.38 7.53 14.07
CA CYS B 47 0.52 7.29 12.94
C CYS B 47 -0.07 7.90 11.70
N PRO B 48 0.76 8.21 10.70
CA PRO B 48 0.21 8.49 9.36
C PRO B 48 -0.47 7.26 8.77
N VAL B 49 -1.80 7.29 8.55
CA VAL B 49 -2.55 6.18 7.96
C VAL B 49 -3.51 6.73 6.90
N ALA B 50 -3.95 5.84 6.02
CA ALA B 50 -4.96 6.25 5.06
C ALA B 50 -6.28 6.53 5.79
N PRO B 51 -7.03 7.55 5.37
CA PRO B 51 -8.34 7.78 5.98
C PRO B 51 -9.24 6.57 5.83
N HIS B 52 -10.22 6.46 6.74
CA HIS B 52 -11.21 5.39 6.66
C HIS B 52 -11.98 5.51 5.36
N GLY B 53 -12.15 4.38 4.66
CA GLY B 53 -12.83 4.39 3.38
C GLY B 53 -12.02 4.87 2.20
N TRP B 54 -10.74 5.23 2.38
CA TRP B 54 -9.95 5.74 1.25
C TRP B 54 -9.65 4.60 0.28
N PRO B 55 -9.87 4.79 -1.03
CA PRO B 55 -9.77 3.67 -1.99
C PRO B 55 -8.38 3.42 -2.54
N ASN B 56 -7.37 4.16 -2.09
CA ASN B 56 -5.98 4.00 -2.49
C ASN B 56 -5.11 3.68 -1.28
N PRO B 57 -4.03 2.91 -1.47
CA PRO B 57 -3.00 2.88 -0.44
C PRO B 57 -2.25 4.20 -0.45
N LEU B 58 -1.56 4.47 0.66
CA LEU B 58 -0.68 5.63 0.69
C LEU B 58 0.48 5.42 -0.27
N LEU B 59 1.12 6.52 -0.67
CA LEU B 59 2.28 6.43 -1.56
C LEU B 59 3.37 5.56 -0.92
N PRO B 60 3.88 4.55 -1.62
CA PRO B 60 4.95 3.72 -1.04
C PRO B 60 6.20 4.51 -0.70
N GLU B 61 6.49 5.59 -1.45
CA GLU B 61 7.63 6.44 -1.12
C GLU B 61 7.68 6.86 0.35
N TYR B 62 6.51 7.02 1.00
CA TYR B 62 6.50 7.41 2.40
C TYR B 62 7.22 6.42 3.30
N ASP B 63 7.25 5.15 2.90
CA ASP B 63 7.87 4.09 3.70
C ASP B 63 9.36 3.92 3.42
N GLN B 64 9.95 4.80 2.61
CA GLN B 64 11.31 4.55 2.14
C GLN B 64 12.35 5.45 2.79
N LEU B 65 12.03 6.03 3.95
CA LEU B 65 12.94 6.97 4.58
C LEU B 65 13.41 6.44 5.92
N PRO B 66 14.64 6.73 6.33
CA PRO B 66 15.05 6.39 7.70
C PRO B 66 14.26 7.21 8.72
N GLU B 67 14.38 6.79 9.97
CA GLU B 67 13.81 7.51 11.09
C GLU B 67 14.33 8.95 11.13
N GLY B 68 13.42 9.91 11.30
CA GLY B 68 13.74 11.32 11.18
C GLY B 68 13.49 11.89 9.81
N ARG B 69 13.18 11.06 8.82
CA ARG B 69 12.94 11.50 7.45
C ARG B 69 14.01 12.46 6.91
N PRO B 70 15.29 12.08 7.01
CA PRO B 70 16.33 12.86 6.35
C PRO B 70 16.17 12.83 4.84
N LEU B 71 16.76 13.82 4.17
CA LEU B 71 16.86 13.78 2.72
C LEU B 71 17.45 12.45 2.29
N THR B 72 16.75 11.71 1.43
CA THR B 72 17.13 10.34 1.10
C THR B 72 17.26 10.17 -0.41
N GLN B 73 18.47 9.88 -0.87
CA GLN B 73 18.68 9.73 -2.30
C GLN B 73 18.22 8.34 -2.75
N VAL B 74 17.57 8.29 -3.91
CA VAL B 74 17.09 7.05 -4.49
C VAL B 74 17.43 7.01 -5.97
N THR B 75 17.33 5.82 -6.55
CA THR B 75 17.60 5.58 -7.96
C THR B 75 16.28 5.27 -8.66
N MET B 76 15.95 6.06 -9.67
CA MET B 76 14.72 5.91 -10.43
C MET B 76 14.85 4.74 -11.41
N PRO B 77 13.72 4.27 -11.97
CA PRO B 77 13.80 3.15 -12.93
C PRO B 77 14.74 3.42 -14.09
N SER B 78 14.90 4.66 -14.50
CA SER B 78 15.77 4.96 -15.63
C SER B 78 17.24 4.94 -15.25
N GLY B 79 17.58 4.77 -13.98
CA GLY B 79 18.95 4.97 -13.51
C GLY B 79 19.27 6.36 -13.03
N SER B 80 18.43 7.35 -13.34
CA SER B 80 18.61 8.70 -12.79
C SER B 80 18.44 8.68 -11.26
N LYS B 81 18.89 9.75 -10.61
CA LYS B 81 18.84 9.88 -9.16
C LYS B 81 17.88 11.00 -8.75
N ALA B 82 17.20 10.77 -7.62
CA ALA B 82 16.31 11.77 -7.04
C ALA B 82 16.40 11.70 -5.52
N TRP B 83 15.87 12.72 -4.87
CA TRP B 83 15.91 12.83 -3.42
C TRP B 83 14.49 12.91 -2.88
N LEU B 84 14.22 12.12 -1.83
CA LEU B 84 12.94 12.13 -1.15
C LEU B 84 12.94 13.26 -0.12
N VAL B 85 12.05 14.22 -0.30
CA VAL B 85 11.99 15.42 0.53
C VAL B 85 10.67 15.40 1.30
N ALA B 86 10.76 15.23 2.63
CA ALA B 86 9.60 15.03 3.49
C ALA B 86 9.52 15.99 4.66
N GLN B 87 10.52 16.86 4.86
CA GLN B 87 10.52 17.79 5.97
C GLN B 87 9.93 19.11 5.52
N HIS B 88 9.02 19.65 6.31
CA HIS B 88 8.27 20.84 5.95
C HIS B 88 9.22 21.98 5.54
N ASP B 89 10.24 22.24 6.35
CA ASP B 89 11.20 23.32 6.05
C ASP B 89 11.96 23.06 4.77
N HIS B 90 12.42 21.82 4.55
CA HIS B 90 13.12 21.48 3.30
C HIS B 90 12.23 21.70 2.09
N ILE B 91 10.96 21.35 2.20
CA ILE B 91 10.06 21.47 1.06
C ILE B 91 9.90 22.93 0.66
N GLN B 92 9.68 23.80 1.65
CA GLN B 92 9.52 25.22 1.37
C GLN B 92 10.79 25.78 0.76
N ARG B 93 11.93 25.52 1.38
CA ARG B 93 13.20 26.03 0.86
C ARG B 93 13.47 25.50 -0.55
N LEU B 94 13.17 24.23 -0.83
CA LEU B 94 13.50 23.73 -2.16
C LEU B 94 12.49 24.19 -3.22
N LEU B 95 11.21 24.30 -2.86
CA LEU B 95 10.22 24.68 -3.86
C LEU B 95 10.23 26.18 -4.12
N ALA B 96 10.85 26.97 -3.25
CA ALA B 96 11.08 28.39 -3.48
C ALA B 96 12.40 28.66 -4.22
N ASP B 97 13.24 27.64 -4.42
CA ASP B 97 14.57 27.83 -5.01
C ASP B 97 14.49 27.82 -6.53
N ASN B 98 14.93 28.93 -7.14
CA ASN B 98 14.93 29.13 -8.59
C ASN B 98 15.82 28.16 -9.38
N ARG B 99 16.64 27.33 -8.73
CA ARG B 99 17.49 26.39 -9.46
C ARG B 99 16.80 25.07 -9.79
N PHE B 100 15.51 24.92 -9.49
CA PHE B 100 14.75 23.72 -9.81
C PHE B 100 13.74 24.01 -10.92
N SER B 101 13.46 22.99 -11.71
CA SER B 101 12.71 23.18 -12.93
C SER B 101 11.59 22.16 -13.01
N VAL B 102 10.52 22.55 -13.72
CA VAL B 102 9.39 21.66 -14.00
C VAL B 102 9.41 21.12 -15.43
N GLU B 103 10.33 21.59 -16.28
CA GLU B 103 10.25 21.30 -17.70
C GLU B 103 10.93 19.97 -18.03
N PRO B 104 10.52 19.31 -19.13
CA PRO B 104 11.15 18.04 -19.53
C PRO B 104 12.67 18.14 -19.53
N HIS B 105 13.32 17.02 -19.17
CA HIS B 105 14.76 17.01 -18.91
C HIS B 105 15.19 15.55 -18.97
N PRO B 106 16.35 15.24 -19.56
CA PRO B 106 16.70 13.82 -19.80
C PRO B 106 16.79 13.01 -18.53
N THR B 107 17.03 13.64 -17.37
CA THR B 107 16.99 12.94 -16.09
C THR B 107 15.95 13.52 -15.12
N PHE B 108 14.84 14.06 -15.65
CA PHE B 108 13.71 14.41 -14.78
C PHE B 108 13.23 13.15 -14.07
N PRO B 109 12.94 13.21 -12.76
CA PRO B 109 12.56 11.99 -12.02
C PRO B 109 11.20 11.48 -12.46
N ILE B 110 11.18 10.26 -13.02
CA ILE B 110 9.96 9.56 -13.42
C ILE B 110 9.90 8.25 -12.65
N ARG B 111 8.78 8.03 -11.95
CA ARG B 111 8.72 7.03 -10.88
C ARG B 111 8.43 5.62 -11.37
N PHE B 112 7.94 5.49 -12.59
CA PHE B 112 7.61 4.20 -13.18
C PHE B 112 8.30 4.06 -14.52
N PRO B 113 8.60 2.83 -14.94
CA PRO B 113 9.07 2.63 -16.31
C PRO B 113 7.91 2.81 -17.27
N ALA B 114 8.17 3.50 -18.38
CA ALA B 114 7.09 3.76 -19.33
C ALA B 114 7.67 3.78 -20.74
N PRO B 115 6.87 3.42 -21.75
CA PRO B 115 7.33 3.51 -23.14
C PRO B 115 7.73 4.92 -23.49
N GLN B 116 8.96 5.08 -24.02
CA GLN B 116 9.48 6.41 -24.27
C GLN B 116 8.69 7.14 -25.35
N GLU B 117 8.02 6.40 -26.24
CA GLU B 117 7.21 7.05 -27.27
C GLU B 117 6.23 8.04 -26.65
N LEU B 118 5.54 7.62 -25.60
CA LEU B 118 4.51 8.45 -25.01
C LEU B 118 5.04 9.35 -23.89
N LEU B 119 6.18 9.00 -23.28
CA LEU B 119 7.00 10.01 -22.62
C LEU B 119 7.23 11.19 -23.54
N ASP B 120 7.69 10.92 -24.77
CA ASP B 120 8.04 11.99 -25.71
C ASP B 120 6.83 12.85 -26.05
N MET B 121 5.65 12.23 -26.20
CA MET B 121 4.48 13.01 -26.53
C MET B 121 4.09 13.94 -25.38
N ILE B 122 4.14 13.43 -24.16
CA ILE B 122 3.90 14.27 -22.98
C ILE B 122 4.89 15.42 -22.93
N ALA B 123 6.17 15.11 -23.07
CA ALA B 123 7.19 16.14 -23.03
C ALA B 123 6.99 17.18 -24.12
N ARG B 124 6.44 16.79 -25.27
CA ARG B 124 6.21 17.77 -26.34
C ARG B 124 5.11 18.74 -25.99
N ASP B 125 4.12 18.33 -25.21
CA ASP B 125 3.04 19.22 -24.82
C ASP B 125 3.31 20.00 -23.54
N ALA B 126 4.38 19.68 -22.80
CA ALA B 126 4.65 20.33 -21.53
C ALA B 126 4.74 21.86 -21.68
N LYS B 127 5.19 22.35 -22.83
CA LYS B 127 5.21 23.79 -23.11
C LYS B 127 3.82 24.41 -23.13
N ASN B 128 2.75 23.63 -23.18
CA ASN B 128 1.41 24.18 -23.21
C ASN B 128 0.69 24.08 -21.88
N LEU B 129 1.37 23.64 -20.82
CA LEU B 129 0.79 23.51 -19.50
C LEU B 129 1.56 24.43 -18.56
N LEU B 130 0.85 25.30 -17.87
CA LEU B 130 1.49 26.21 -16.93
C LEU B 130 2.29 25.45 -15.88
N VAL B 131 1.77 24.32 -15.40
CA VAL B 131 2.45 23.61 -14.35
C VAL B 131 3.77 23.00 -14.81
N THR B 132 4.04 22.94 -16.12
CA THR B 132 5.32 22.43 -16.62
C THR B 132 6.09 23.50 -17.41
N MET B 133 5.91 24.78 -17.08
CA MET B 133 6.70 25.90 -17.60
C MET B 133 7.57 26.49 -16.52
N ASP B 134 8.85 26.79 -16.85
CA ASP B 134 9.67 27.53 -15.91
C ASP B 134 9.53 29.05 -16.10
N PRO B 135 9.86 29.85 -15.09
CA PRO B 135 10.00 31.29 -15.33
C PRO B 135 11.13 31.55 -16.34
N PRO B 136 11.05 32.67 -17.07
CA PRO B 136 10.07 33.75 -17.00
C PRO B 136 8.80 33.52 -17.83
N ARG B 137 8.83 32.56 -18.75
CA ARG B 137 7.61 32.28 -19.49
C ARG B 137 6.47 31.90 -18.54
N HIS B 138 6.80 31.14 -17.48
CA HIS B 138 5.79 30.79 -16.49
C HIS B 138 5.15 32.05 -15.92
N THR B 139 5.96 33.05 -15.61
CA THR B 139 5.47 34.27 -14.99
C THR B 139 4.45 34.98 -15.89
N ARG B 140 4.76 35.09 -17.19
CA ARG B 140 3.87 35.79 -18.11
C ARG B 140 2.59 35.02 -18.33
N VAL B 141 2.68 33.71 -18.51
CA VAL B 141 1.48 32.93 -18.78
C VAL B 141 0.56 32.94 -17.57
N ARG B 142 1.12 32.71 -16.37
CA ARG B 142 0.31 32.72 -15.15
C ARG B 142 -0.41 34.05 -14.96
N GLN B 143 0.27 35.16 -15.27
CA GLN B 143 -0.35 36.47 -15.16
C GLN B 143 -1.53 36.65 -16.11
N MET B 144 -1.59 35.88 -17.20
CA MET B 144 -2.76 35.96 -18.10
C MET B 144 -4.05 35.52 -17.42
N ALA B 145 -3.97 34.58 -16.47
CA ALA B 145 -5.14 34.09 -15.76
C ALA B 145 -5.27 34.68 -14.37
N LEU B 146 -4.16 35.15 -13.80
CA LEU B 146 -4.10 35.49 -12.39
C LEU B 146 -5.16 36.48 -11.91
N PRO B 147 -5.51 37.55 -12.63
CA PRO B 147 -6.49 38.51 -12.07
C PRO B 147 -7.83 37.91 -11.73
N ASP B 148 -8.21 36.81 -12.35
CA ASP B 148 -9.47 36.16 -12.04
C ASP B 148 -9.36 35.12 -10.95
N PHE B 149 -8.18 34.95 -10.35
CA PHE B 149 -7.94 33.96 -9.32
C PHE B 149 -7.54 34.61 -8.00
N THR B 150 -7.55 35.94 -7.91
CA THR B 150 -7.23 36.62 -6.67
C THR B 150 -8.30 36.31 -5.60
N ILE B 151 -7.97 36.66 -4.36
CA ILE B 151 -8.93 36.50 -3.26
C ILE B 151 -10.24 37.21 -3.58
N LYS B 152 -10.13 38.45 -4.06
CA LYS B 152 -11.32 39.25 -4.33
C LYS B 152 -12.09 38.75 -5.54
N ALA B 153 -11.38 38.24 -6.55
CA ALA B 153 -12.09 37.70 -7.70
C ALA B 153 -12.79 36.39 -7.33
N ALA B 154 -12.14 35.54 -6.52
CA ALA B 154 -12.83 34.34 -6.06
C ALA B 154 -14.08 34.71 -5.27
N GLU B 155 -13.97 35.72 -4.41
CA GLU B 155 -15.08 36.11 -3.54
C GLU B 155 -16.32 36.46 -4.35
N LYS B 156 -16.14 37.07 -5.53
CA LYS B 156 -17.26 37.41 -6.39
C LYS B 156 -18.10 36.20 -6.74
N LEU B 157 -17.57 34.98 -6.56
CA LEU B 157 -18.30 33.77 -6.88
C LEU B 157 -19.21 33.30 -5.75
N ARG B 158 -19.15 33.92 -4.58
CA ARG B 158 -19.83 33.38 -3.41
C ARG B 158 -21.34 33.28 -3.56
N PRO B 159 -22.05 34.32 -4.05
CA PRO B 159 -23.52 34.18 -4.19
C PRO B 159 -23.94 33.01 -5.07
N ARG B 160 -23.34 32.88 -6.25
CA ARG B 160 -23.66 31.72 -7.09
C ARG B 160 -23.30 30.41 -6.39
N MET B 161 -22.12 30.37 -5.74
CA MET B 161 -21.71 29.13 -5.07
C MET B 161 -22.72 28.72 -4.02
N GLN B 162 -23.25 29.68 -3.25
CA GLN B 162 -24.26 29.37 -2.25
C GLN B 162 -25.53 28.81 -2.89
N ASP B 163 -25.90 29.34 -4.06
CA ASP B 163 -27.06 28.79 -4.76
C ASP B 163 -26.85 27.32 -5.11
N LEU B 164 -25.66 27.01 -5.61
CA LEU B 164 -25.33 25.63 -5.96
C LEU B 164 -25.39 24.73 -4.73
N ILE B 165 -24.79 25.18 -3.62
CA ILE B 165 -24.79 24.38 -2.41
C ILE B 165 -26.22 24.22 -1.87
N ASP B 166 -26.94 25.34 -1.74
CA ASP B 166 -28.34 25.26 -1.32
C ASP B 166 -29.12 24.28 -2.18
N TYR B 167 -28.84 24.26 -3.49
CA TYR B 167 -29.49 23.30 -4.36
C TYR B 167 -29.18 21.87 -3.96
N TYR B 168 -27.88 21.56 -3.75
CA TYR B 168 -27.51 20.17 -3.52
C TYR B 168 -27.98 19.68 -2.15
N LEU B 169 -27.95 20.55 -1.14
CA LEU B 169 -28.41 20.16 0.20
C LEU B 169 -29.93 20.10 0.28
N ASP B 170 -30.64 20.97 -0.46
CA ASP B 170 -32.10 20.80 -0.58
C ASP B 170 -32.44 19.42 -1.12
N LYS B 171 -31.74 18.99 -2.17
CA LYS B 171 -32.01 17.70 -2.77
C LYS B 171 -31.66 16.57 -1.82
N MET B 172 -30.49 16.65 -1.20
CA MET B 172 -30.07 15.65 -0.21
C MET B 172 -31.06 15.57 0.95
N GLU B 173 -31.54 16.72 1.43
CA GLU B 173 -32.47 16.72 2.56
C GLU B 173 -33.84 16.22 2.16
N ALA B 174 -34.28 16.51 0.93
CA ALA B 174 -35.61 16.12 0.50
C ALA B 174 -35.73 14.62 0.28
N GLU B 175 -34.63 13.94 -0.06
CA GLU B 175 -34.68 12.50 -0.26
C GLU B 175 -34.34 11.78 1.05
N GLY B 176 -34.06 10.48 0.98
CA GLY B 176 -33.77 9.66 2.15
C GLY B 176 -32.79 10.29 3.12
N ALA B 177 -33.01 10.06 4.42
CA ALA B 177 -32.22 10.67 5.48
C ALA B 177 -30.78 10.14 5.53
N PRO B 178 -30.49 8.90 5.15
CA PRO B 178 -29.09 8.51 4.95
C PRO B 178 -28.63 8.91 3.55
N ALA B 179 -27.46 9.56 3.46
CA ALA B 179 -26.95 10.05 2.19
C ALA B 179 -25.47 9.75 2.03
N ASP B 180 -25.04 9.62 0.78
CA ASP B 180 -23.63 9.50 0.42
C ASP B 180 -23.16 10.89 0.01
N LEU B 181 -22.37 11.52 0.89
CA LEU B 181 -22.01 12.90 0.65
C LEU B 181 -21.10 13.04 -0.57
N VAL B 182 -20.35 11.99 -0.91
CA VAL B 182 -19.53 12.08 -2.12
C VAL B 182 -20.40 12.28 -3.34
N GLN B 183 -21.48 11.48 -3.46
CA GLN B 183 -22.38 11.63 -4.60
C GLN B 183 -23.30 12.86 -4.49
N ALA B 184 -23.70 13.25 -3.27
CA ALA B 184 -24.70 14.30 -3.12
C ALA B 184 -24.12 15.70 -3.25
N LEU B 185 -22.85 15.88 -2.87
CA LEU B 185 -22.27 17.22 -2.91
C LEU B 185 -20.84 17.28 -3.44
N ALA B 186 -19.98 16.36 -2.97
CA ALA B 186 -18.54 16.56 -3.14
C ALA B 186 -18.12 16.48 -4.61
N LEU B 187 -18.71 15.54 -5.37
CA LEU B 187 -18.51 15.38 -6.82
C LEU B 187 -19.24 16.45 -7.64
N PRO B 188 -20.55 16.61 -7.51
CA PRO B 188 -21.25 17.52 -8.44
C PRO B 188 -21.00 19.01 -8.20
N PHE B 189 -20.89 19.45 -6.95
CA PHE B 189 -20.79 20.89 -6.70
C PHE B 189 -19.56 21.53 -7.33
N PRO B 190 -18.34 21.04 -7.12
CA PRO B 190 -17.18 21.68 -7.78
C PRO B 190 -17.26 21.64 -9.29
N ALA B 191 -17.79 20.56 -9.87
CA ALA B 191 -18.00 20.55 -11.32
C ALA B 191 -18.78 21.78 -11.77
N GLN B 192 -19.89 22.06 -11.09
CA GLN B 192 -20.68 23.24 -11.43
C GLN B 192 -19.90 24.54 -11.25
N VAL B 193 -19.07 24.62 -10.19
CA VAL B 193 -18.29 25.83 -9.97
C VAL B 193 -17.29 26.02 -11.10
N ILE B 194 -16.74 24.91 -11.60
CA ILE B 194 -15.80 24.98 -12.71
C ILE B 194 -16.50 25.55 -13.94
N CYS B 195 -17.75 25.11 -14.19
CA CYS B 195 -18.52 25.65 -15.32
C CYS B 195 -18.76 27.15 -15.18
N GLU B 196 -19.02 27.62 -13.95
CA GLU B 196 -19.11 29.06 -13.74
C GLU B 196 -17.80 29.74 -14.11
N LEU B 197 -16.67 29.16 -13.70
CA LEU B 197 -15.36 29.72 -14.02
C LEU B 197 -15.17 29.82 -15.53
N ALA B 198 -15.70 28.85 -16.26
CA ALA B 198 -15.51 28.75 -17.70
C ALA B 198 -16.63 29.38 -18.50
N GLY B 199 -17.60 30.03 -17.85
CA GLY B 199 -18.73 30.61 -18.55
C GLY B 199 -19.53 29.61 -19.37
N ILE B 200 -19.52 28.34 -18.95
CA ILE B 200 -20.26 27.29 -19.64
C ILE B 200 -21.75 27.46 -19.36
N PRO B 201 -22.58 27.61 -20.41
CA PRO B 201 -24.01 27.75 -20.18
C PRO B 201 -24.61 26.48 -19.57
N GLU B 202 -25.69 26.67 -18.83
CA GLU B 202 -26.28 25.58 -18.05
C GLU B 202 -26.68 24.41 -18.93
N ASN B 203 -27.05 24.66 -20.18
CA ASN B 203 -27.46 23.54 -21.04
C ASN B 203 -26.33 22.55 -21.26
N ASP B 204 -25.10 23.05 -21.37
CA ASP B 204 -23.95 22.21 -21.67
C ASP B 204 -23.36 21.53 -20.44
N ARG B 205 -23.72 22.01 -19.24
CA ARG B 205 -22.98 21.61 -18.03
C ARG B 205 -23.13 20.13 -17.74
N GLU B 206 -24.35 19.60 -17.82
CA GLU B 206 -24.61 18.24 -17.34
C GLU B 206 -23.75 17.20 -18.05
N ILE B 207 -23.22 17.52 -19.22
CA ILE B 207 -22.41 16.57 -19.97
C ILE B 207 -20.92 16.71 -19.65
N PHE B 208 -20.46 17.92 -19.32
CA PHE B 208 -19.10 18.09 -18.78
C PHE B 208 -19.01 17.50 -17.37
N THR B 209 -20.08 17.64 -16.58
CA THR B 209 -20.19 16.94 -15.31
C THR B 209 -19.98 15.45 -15.50
N ARG B 210 -20.58 14.88 -16.55
CA ARG B 210 -20.43 13.45 -16.80
C ARG B 210 -18.97 13.08 -17.00
N ASN B 211 -18.30 13.79 -17.91
CA ASN B 211 -16.95 13.40 -18.28
C ASN B 211 -15.95 13.73 -17.17
N ALA B 212 -16.16 14.82 -16.44
CA ALA B 212 -15.31 15.14 -15.30
C ALA B 212 -15.40 14.05 -14.24
N ALA B 213 -16.62 13.63 -13.91
CA ALA B 213 -16.79 12.58 -12.91
C ALA B 213 -16.12 11.28 -13.34
N ILE B 214 -16.07 11.01 -14.65
CA ILE B 214 -15.39 9.81 -15.14
C ILE B 214 -13.88 9.93 -14.97
N MET B 215 -13.32 11.12 -15.23
CA MET B 215 -11.88 11.30 -15.09
C MET B 215 -11.42 11.02 -13.68
N VAL B 216 -12.25 11.39 -12.70
CA VAL B 216 -11.83 11.43 -11.31
C VAL B 216 -12.17 10.16 -10.55
N GLY B 217 -12.96 9.25 -11.16
CA GLY B 217 -13.36 8.04 -10.49
C GLY B 217 -12.26 7.01 -10.43
N THR B 218 -12.45 6.03 -9.54
CA THR B 218 -11.50 4.94 -9.37
C THR B 218 -11.55 4.00 -10.57
N ARG B 219 -10.61 3.05 -10.60
CA ARG B 219 -10.60 2.07 -11.68
C ARG B 219 -11.81 1.16 -11.64
N HIS B 220 -12.46 1.01 -10.48
CA HIS B 220 -13.63 0.15 -10.33
C HIS B 220 -14.93 0.84 -10.71
N SER B 221 -14.91 2.15 -10.93
CA SER B 221 -16.10 2.89 -11.30
C SER B 221 -16.22 3.11 -12.80
N TYR B 222 -15.11 3.20 -13.52
CA TYR B 222 -15.10 3.47 -14.94
C TYR B 222 -13.89 2.80 -15.57
N THR B 223 -14.11 2.18 -16.73
CA THR B 223 -13.08 1.41 -17.41
C THR B 223 -11.93 2.31 -17.86
N MET B 224 -10.83 1.69 -18.25
CA MET B 224 -9.79 2.43 -18.97
C MET B 224 -10.30 2.93 -20.32
N GLU B 225 -11.36 2.32 -20.85
CA GLU B 225 -11.95 2.77 -22.12
C GLU B 225 -12.88 3.96 -21.92
N GLN B 226 -13.82 3.87 -20.97
CA GLN B 226 -14.73 5.00 -20.72
C GLN B 226 -13.97 6.26 -20.35
N LYS B 227 -12.78 6.13 -19.76
CA LYS B 227 -12.03 7.29 -19.33
C LYS B 227 -11.32 7.95 -20.51
N LEU B 228 -10.48 7.21 -21.23
CA LEU B 228 -9.81 7.78 -22.39
C LEU B 228 -10.80 8.31 -23.41
N ALA B 229 -12.04 7.82 -23.40
CA ALA B 229 -13.08 8.37 -24.27
C ALA B 229 -13.64 9.67 -23.71
N ALA B 230 -13.98 9.68 -22.41
CA ALA B 230 -14.43 10.91 -21.77
C ALA B 230 -13.37 12.00 -21.82
N ASN B 231 -12.09 11.60 -21.79
CA ASN B 231 -11.01 12.54 -22.04
C ASN B 231 -11.15 13.17 -23.43
N GLU B 232 -11.31 12.32 -24.45
CA GLU B 232 -11.45 12.81 -25.83
C GLU B 232 -12.60 13.78 -25.95
N GLU B 233 -13.75 13.45 -25.37
CA GLU B 233 -14.91 14.33 -25.44
C GLU B 233 -14.62 15.66 -24.76
N LEU B 234 -13.95 15.63 -23.61
CA LEU B 234 -13.58 16.86 -22.94
C LEU B 234 -12.65 17.70 -23.80
N MET B 235 -11.69 17.07 -24.46
CA MET B 235 -10.75 17.82 -25.29
C MET B 235 -11.43 18.43 -26.51
N LYS B 236 -12.37 17.69 -27.12
CA LYS B 236 -13.21 18.25 -28.17
C LYS B 236 -13.98 19.47 -27.66
N TYR B 237 -14.60 19.31 -26.48
CA TYR B 237 -15.40 20.37 -25.87
C TYR B 237 -14.55 21.59 -25.53
N PHE B 238 -13.34 21.35 -25.01
CA PHE B 238 -12.46 22.44 -24.66
C PHE B 238 -12.00 23.22 -25.90
N ALA B 239 -11.71 22.51 -26.99
CA ALA B 239 -11.33 23.20 -28.23
C ALA B 239 -12.48 24.06 -28.75
N ALA B 240 -13.70 23.50 -28.76
CA ALA B 240 -14.87 24.29 -29.17
C ALA B 240 -15.12 25.47 -28.24
N LEU B 241 -14.81 25.31 -26.95
CA LEU B 241 -15.01 26.40 -26.00
C LEU B 241 -14.02 27.56 -26.24
N VAL B 242 -12.76 27.22 -26.51
CA VAL B 242 -11.75 28.22 -26.86
C VAL B 242 -12.19 29.02 -28.09
N THR B 243 -12.60 28.31 -29.15
CA THR B 243 -13.13 28.98 -30.33
C THR B 243 -14.25 29.93 -29.97
N GLU B 244 -15.18 29.46 -29.13
CA GLU B 244 -16.32 30.27 -28.72
C GLU B 244 -15.91 31.50 -27.91
N LYS B 245 -14.79 31.43 -27.17
CA LYS B 245 -14.34 32.61 -26.43
C LYS B 245 -13.65 33.62 -27.34
N GLN B 246 -13.10 33.16 -28.47
CA GLN B 246 -12.37 34.05 -29.37
C GLN B 246 -13.30 34.93 -30.19
N SER B 247 -14.35 34.36 -30.78
CA SER B 247 -15.53 35.18 -31.07
C SER B 247 -16.26 35.43 -29.74
N ASN B 248 -17.11 36.46 -29.72
CA ASN B 248 -17.94 36.74 -28.54
C ASN B 248 -17.22 36.53 -27.21
N PRO B 249 -16.22 37.36 -26.87
CA PRO B 249 -15.56 37.20 -25.57
C PRO B 249 -16.53 37.38 -24.40
N THR B 250 -16.16 36.79 -23.26
CA THR B 250 -16.98 36.82 -22.05
C THR B 250 -16.12 37.21 -20.85
N ASP B 251 -16.79 37.77 -19.84
CA ASP B 251 -16.11 38.26 -18.64
C ASP B 251 -16.20 37.19 -17.54
N ASP B 252 -15.40 36.15 -17.72
CA ASP B 252 -15.19 35.11 -16.74
C ASP B 252 -13.73 34.72 -16.79
N MET B 253 -13.32 33.80 -15.91
CA MET B 253 -11.93 33.40 -15.83
C MET B 253 -11.40 32.93 -17.19
N LEU B 254 -12.08 31.95 -17.77
CA LEU B 254 -11.62 31.38 -19.03
C LEU B 254 -11.68 32.42 -20.15
N GLY B 255 -12.78 33.17 -20.23
CA GLY B 255 -12.90 34.18 -21.27
C GLY B 255 -11.82 35.26 -21.17
N ASN B 256 -11.57 35.77 -19.96
CA ASN B 256 -10.51 36.75 -19.79
C ASN B 256 -9.13 36.16 -20.03
N PHE B 257 -8.92 34.88 -19.68
CA PHE B 257 -7.63 34.28 -19.98
C PHE B 257 -7.42 34.17 -21.49
N ILE B 258 -8.38 33.58 -22.19
CA ILE B 258 -8.28 33.45 -23.65
C ILE B 258 -8.01 34.80 -24.30
N ALA B 259 -8.76 35.83 -23.88
CA ALA B 259 -8.55 37.18 -24.39
C ALA B 259 -7.13 37.65 -24.15
N ARG B 260 -6.66 37.60 -22.90
CA ARG B 260 -5.29 38.04 -22.60
C ARG B 260 -4.27 37.25 -23.39
N ALA B 261 -4.52 35.96 -23.64
CA ALA B 261 -3.56 35.16 -24.36
C ALA B 261 -3.55 35.54 -25.84
N GLY B 262 -4.72 35.90 -26.39
CA GLY B 262 -4.81 36.27 -27.80
C GLY B 262 -3.99 37.48 -28.17
N LYS B 263 -3.76 38.38 -27.21
CA LYS B 263 -2.90 39.54 -27.44
C LYS B 263 -1.43 39.17 -27.50
N THR B 264 -1.07 37.90 -27.34
CA THR B 264 0.28 37.40 -27.51
C THR B 264 0.28 36.30 -28.56
N ASP B 265 1.48 35.83 -28.89
CA ASP B 265 1.67 34.69 -29.77
C ASP B 265 2.23 33.50 -29.00
N GLU B 266 1.72 33.30 -27.79
CA GLU B 266 2.25 32.29 -26.88
C GLU B 266 1.64 30.92 -27.07
N PHE B 267 0.46 30.83 -27.70
CA PHE B 267 -0.23 29.56 -27.87
C PHE B 267 -0.88 29.51 -29.25
N ASP B 268 -0.91 28.32 -29.85
CA ASP B 268 -1.83 28.09 -30.95
C ASP B 268 -3.13 27.55 -30.36
N HIS B 269 -4.06 27.08 -31.19
CA HIS B 269 -5.34 26.62 -30.70
C HIS B 269 -5.18 25.38 -29.82
N HIS B 270 -4.31 24.45 -30.23
CA HIS B 270 -4.05 23.26 -29.43
C HIS B 270 -3.45 23.63 -28.07
N GLY B 271 -2.62 24.66 -28.04
CA GLY B 271 -2.04 25.10 -26.78
C GLY B 271 -3.06 25.75 -25.86
N LEU B 272 -4.00 26.51 -26.43
CA LEU B 272 -5.07 27.08 -25.63
C LEU B 272 -6.02 26.01 -25.13
N THR B 273 -6.19 24.92 -25.89
CA THR B 273 -7.07 23.85 -25.43
C THR B 273 -6.46 23.12 -24.24
N LEU B 274 -5.15 22.83 -24.29
CA LEU B 274 -4.50 22.21 -23.15
C LEU B 274 -4.51 23.13 -21.93
N MET B 275 -4.33 24.43 -22.13
CA MET B 275 -4.38 25.36 -21.02
C MET B 275 -5.78 25.42 -20.42
N THR B 276 -6.80 25.43 -21.28
CA THR B 276 -8.18 25.41 -20.82
C THR B 276 -8.44 24.18 -19.96
N LYS B 277 -8.01 23.01 -20.43
CA LYS B 277 -8.19 21.79 -19.65
C LYS B 277 -7.52 21.90 -18.29
N MET B 278 -6.26 22.36 -18.27
CA MET B 278 -5.56 22.52 -17.01
C MET B 278 -6.26 23.50 -16.08
N LEU B 279 -6.65 24.67 -16.60
CA LEU B 279 -7.27 25.68 -15.75
C LEU B 279 -8.60 25.22 -15.15
N LEU B 280 -9.28 24.27 -15.79
CA LEU B 280 -10.60 23.82 -15.35
C LEU B 280 -10.55 22.54 -14.52
N LEU B 281 -9.63 21.62 -14.84
CA LEU B 281 -9.62 20.30 -14.22
C LEU B 281 -8.45 20.06 -13.27
N ALA B 282 -7.45 20.94 -13.20
CA ALA B 282 -6.27 20.63 -12.40
C ALA B 282 -6.61 20.42 -10.94
N GLY B 283 -7.68 21.03 -10.45
CA GLY B 283 -7.98 20.96 -9.04
C GLY B 283 -9.23 20.16 -8.69
N TYR B 284 -9.89 19.58 -9.70
CA TYR B 284 -11.18 18.95 -9.46
C TYR B 284 -11.05 17.82 -8.45
N GLU B 285 -10.18 16.85 -8.72
CA GLU B 285 -10.01 15.72 -7.80
C GLU B 285 -9.65 16.19 -6.40
N PHE B 286 -8.75 17.15 -6.28
CA PHE B 286 -8.33 17.64 -4.96
C PHE B 286 -9.51 18.15 -4.16
N ILE B 287 -10.31 19.05 -4.75
CA ILE B 287 -11.37 19.70 -3.98
C ILE B 287 -12.51 18.73 -3.69
N VAL B 288 -12.79 17.81 -4.60
CA VAL B 288 -13.76 16.76 -4.33
C VAL B 288 -13.38 16.02 -3.06
N ASN B 289 -12.12 15.57 -2.99
CA ASN B 289 -11.68 14.76 -1.85
CA ASN B 289 -11.69 14.76 -1.86
C ASN B 289 -11.62 15.58 -0.58
N ARG B 290 -11.28 16.86 -0.67
CA ARG B 290 -11.16 17.69 0.52
C ARG B 290 -12.54 17.95 1.14
N ILE B 291 -13.58 18.09 0.32
CA ILE B 291 -14.93 18.31 0.85
C ILE B 291 -15.40 17.09 1.63
N ALA B 292 -15.32 15.92 1.01
CA ALA B 292 -15.77 14.70 1.68
C ALA B 292 -14.90 14.38 2.91
N LEU B 293 -13.57 14.41 2.74
CA LEU B 293 -12.67 14.06 3.85
C LEU B 293 -12.75 15.07 4.98
N GLY B 294 -12.98 16.35 4.65
CA GLY B 294 -13.17 17.35 5.68
C GLY B 294 -14.40 17.10 6.54
N ILE B 295 -15.53 16.79 5.91
CA ILE B 295 -16.74 16.44 6.66
C ILE B 295 -16.50 15.14 7.44
N GLN B 296 -15.80 14.18 6.83
CA GLN B 296 -15.48 12.94 7.52
C GLN B 296 -14.67 13.22 8.78
N ALA B 297 -13.68 14.10 8.68
CA ALA B 297 -12.89 14.42 9.87
C ALA B 297 -13.76 15.03 10.96
N LEU B 298 -14.72 15.88 10.58
CA LEU B 298 -15.52 16.57 11.57
C LEU B 298 -16.47 15.61 12.27
N VAL B 299 -17.14 14.72 11.53
CA VAL B 299 -18.03 13.76 12.19
C VAL B 299 -17.23 12.69 12.94
N GLU B 300 -15.99 12.40 12.52
CA GLU B 300 -15.15 11.49 13.28
C GLU B 300 -14.57 12.16 14.53
N ASN B 301 -14.65 13.47 14.63
CA ASN B 301 -14.23 14.22 15.82
C ASN B 301 -15.39 15.10 16.28
N PRO B 302 -16.44 14.49 16.87
CA PRO B 302 -17.66 15.24 17.21
C PRO B 302 -17.43 16.39 18.19
N GLU B 303 -16.45 16.28 19.09
CA GLU B 303 -16.18 17.39 19.99
C GLU B 303 -15.70 18.62 19.22
N GLN B 304 -14.88 18.41 18.19
CA GLN B 304 -14.45 19.55 17.39
C GLN B 304 -15.59 20.08 16.54
N LEU B 305 -16.44 19.19 16.03
CA LEU B 305 -17.60 19.64 15.27
C LEU B 305 -18.54 20.46 16.13
N ALA B 306 -18.79 20.02 17.38
CA ALA B 306 -19.60 20.80 18.32
C ALA B 306 -18.97 22.17 18.56
N ALA B 307 -17.65 22.22 18.78
CA ALA B 307 -16.98 23.49 18.99
C ALA B 307 -17.01 24.37 17.75
N LEU B 308 -16.88 23.76 16.57
CA LEU B 308 -16.91 24.54 15.33
C LEU B 308 -18.25 25.22 15.15
N ARG B 309 -19.34 24.49 15.40
CA ARG B 309 -20.66 25.04 15.14
C ARG B 309 -20.99 26.17 16.13
N ALA B 310 -20.52 26.07 17.35
CA ALA B 310 -20.69 27.13 18.33
C ALA B 310 -19.94 28.42 17.97
N ASP B 311 -18.85 28.30 17.20
CA ASP B 311 -17.97 29.44 16.90
C ASP B 311 -17.53 29.43 15.42
N LEU B 312 -18.48 29.40 14.50
CA LEU B 312 -18.12 29.42 13.07
C LEU B 312 -17.20 30.56 12.69
N PRO B 313 -17.45 31.83 13.06
CA PRO B 313 -16.51 32.90 12.67
C PRO B 313 -15.08 32.65 13.11
N GLY B 314 -14.87 32.07 14.29
CA GLY B 314 -13.53 31.95 14.81
C GLY B 314 -12.81 30.66 14.48
N LEU B 315 -13.56 29.57 14.28
CA LEU B 315 -12.93 28.29 14.05
C LEU B 315 -13.04 27.79 12.61
N MET B 316 -13.85 28.43 11.77
CA MET B 316 -13.95 27.89 10.41
C MET B 316 -12.66 28.11 9.61
N PRO B 317 -12.03 29.31 9.64
CA PRO B 317 -10.75 29.45 8.88
C PRO B 317 -9.70 28.44 9.29
N LYS B 318 -9.59 28.18 10.60
CA LYS B 318 -8.67 27.16 11.09
C LYS B 318 -9.11 25.76 10.66
N THR B 319 -10.42 25.51 10.62
CA THR B 319 -10.93 24.21 10.19
C THR B 319 -10.54 23.93 8.74
N VAL B 320 -10.70 24.93 7.88
CA VAL B 320 -10.32 24.80 6.47
C VAL B 320 -8.82 24.52 6.36
N ASP B 321 -8.00 25.27 7.10
CA ASP B 321 -6.56 25.03 7.10
C ASP B 321 -6.22 23.62 7.55
N GLU B 322 -6.97 23.09 8.52
CA GLU B 322 -6.62 21.77 9.04
C GLU B 322 -7.06 20.65 8.12
N VAL B 323 -8.20 20.81 7.44
CA VAL B 323 -8.59 19.87 6.40
C VAL B 323 -7.57 19.88 5.28
N LEU B 324 -7.10 21.07 4.89
CA LEU B 324 -6.08 21.16 3.84
C LEU B 324 -4.80 20.43 4.26
N ARG B 325 -4.29 20.72 5.47
CA ARG B 325 -3.02 20.12 5.90
C ARG B 325 -3.15 18.63 6.08
N TYR B 326 -4.18 18.18 6.80
CA TYR B 326 -4.25 16.79 7.23
C TYR B 326 -4.40 15.85 6.04
N TYR B 327 -5.14 16.27 5.02
CA TYR B 327 -5.39 15.37 3.90
C TYR B 327 -4.42 15.55 2.73
N SER B 328 -3.35 16.35 2.91
CA SER B 328 -2.24 16.31 1.98
C SER B 328 -1.64 14.92 1.87
N LEU B 329 -1.80 14.09 2.91
CA LEU B 329 -1.26 12.72 2.90
C LEU B 329 -1.75 11.91 1.70
N VAL B 330 -2.98 12.17 1.21
CA VAL B 330 -3.53 11.37 0.11
C VAL B 330 -3.29 12.03 -1.24
N ASP B 331 -2.54 13.14 -1.26
CA ASP B 331 -2.21 13.86 -2.48
C ASP B 331 -0.92 13.32 -3.10
N GLU B 332 -0.68 13.73 -4.35
CA GLU B 332 0.44 13.24 -5.13
C GLU B 332 1.76 13.95 -4.75
N ILE B 333 2.86 13.31 -5.15
CA ILE B 333 4.18 13.87 -5.01
C ILE B 333 4.32 15.07 -5.93
N ILE B 334 5.11 16.06 -5.51
CA ILE B 334 5.50 17.20 -6.34
C ILE B 334 6.94 16.99 -6.80
N ALA B 335 7.18 17.01 -8.11
CA ALA B 335 8.49 16.65 -8.68
C ALA B 335 9.18 17.85 -9.32
N ARG B 336 10.50 17.94 -9.17
CA ARG B 336 11.34 18.91 -9.87
C ARG B 336 12.66 18.25 -10.28
N VAL B 337 13.41 18.93 -11.14
CA VAL B 337 14.77 18.55 -11.50
C VAL B 337 15.69 19.72 -11.21
N ALA B 338 16.88 19.44 -10.67
CA ALA B 338 17.81 20.52 -10.37
C ALA B 338 18.57 20.90 -11.64
N LEU B 339 18.66 22.20 -11.90
CA LEU B 339 19.44 22.74 -13.01
C LEU B 339 20.87 23.07 -12.61
N GLU B 340 21.12 23.24 -11.31
CA GLU B 340 22.43 23.51 -10.75
C GLU B 340 22.57 22.67 -9.49
N ASP B 341 23.79 22.53 -9.00
CA ASP B 341 24.01 21.91 -7.69
C ASP B 341 23.32 22.74 -6.62
N VAL B 342 22.60 22.07 -5.72
CA VAL B 342 21.86 22.77 -4.67
C VAL B 342 22.29 22.18 -3.34
N GLU B 343 22.82 23.02 -2.47
CA GLU B 343 23.24 22.58 -1.15
C GLU B 343 22.16 22.88 -0.14
N ILE B 344 21.80 21.88 0.67
CA ILE B 344 20.84 22.11 1.74
C ILE B 344 21.21 21.22 2.91
N ASP B 345 21.42 21.84 4.08
CA ASP B 345 21.75 21.16 5.33
C ASP B 345 22.77 20.03 5.12
N GLY B 346 23.92 20.42 4.56
CA GLY B 346 25.01 19.47 4.40
C GLY B 346 24.80 18.35 3.40
N VAL B 347 23.80 18.47 2.52
CA VAL B 347 23.63 17.51 1.43
C VAL B 347 23.63 18.30 0.13
N THR B 348 24.22 17.71 -0.90
CA THR B 348 24.28 18.35 -2.21
C THR B 348 23.37 17.60 -3.18
N ILE B 349 22.35 18.29 -3.67
CA ILE B 349 21.54 17.78 -4.76
C ILE B 349 22.22 18.25 -6.04
N LYS B 350 22.78 17.31 -6.82
CA LYS B 350 23.56 17.65 -8.00
C LYS B 350 22.66 18.05 -9.16
N ALA B 351 23.20 18.90 -10.05
CA ALA B 351 22.48 19.21 -11.29
C ALA B 351 22.06 17.94 -11.99
N GLY B 352 20.81 17.91 -12.46
CA GLY B 352 20.27 16.76 -13.13
C GLY B 352 19.63 15.73 -12.21
N GLU B 353 19.78 15.87 -10.90
CA GLU B 353 19.09 15.00 -9.96
C GLU B 353 17.72 15.58 -9.63
N GLY B 354 16.73 14.68 -9.45
CA GLY B 354 15.39 15.12 -9.12
C GLY B 354 15.19 15.32 -7.62
N ILE B 355 14.12 16.04 -7.27
CA ILE B 355 13.57 16.01 -5.92
C ILE B 355 12.13 15.53 -6.01
N LEU B 356 11.77 14.60 -5.14
CA LEU B 356 10.40 14.09 -5.02
C LEU B 356 9.87 14.67 -3.71
N VAL B 357 9.07 15.72 -3.81
CA VAL B 357 8.53 16.38 -2.62
C VAL B 357 7.37 15.54 -2.09
N LEU B 358 7.58 14.86 -0.96
CA LEU B 358 6.54 14.04 -0.32
C LEU B 358 5.64 15.01 0.44
N LYS B 359 4.77 15.67 -0.33
CA LYS B 359 4.00 16.80 0.21
C LYS B 359 3.20 16.39 1.42
N GLY B 360 2.52 15.25 1.35
CA GLY B 360 1.67 14.81 2.44
C GLY B 360 2.42 14.54 3.72
N LEU B 361 3.65 14.00 3.62
CA LEU B 361 4.44 13.81 4.83
C LEU B 361 4.97 15.12 5.39
N GLY B 362 5.30 16.07 4.51
CA GLY B 362 5.69 17.39 4.98
C GLY B 362 4.60 18.05 5.79
N ASP B 363 3.34 17.77 5.47
CA ASP B 363 2.24 18.29 6.28
C ASP B 363 1.95 17.40 7.49
N ARG B 364 2.74 16.35 7.71
CA ARG B 364 2.72 15.58 8.94
C ARG B 364 4.07 15.68 9.66
N ASP B 365 4.78 16.78 9.42
CA ASP B 365 6.11 16.97 9.99
C ASP B 365 5.98 17.32 11.47
N PRO B 366 6.53 16.49 12.39
CA PRO B 366 6.37 16.79 13.82
C PRO B 366 7.11 18.01 14.30
N SER B 367 8.17 18.45 13.63
CA SER B 367 8.80 19.68 14.08
C SER B 367 8.01 20.90 13.71
N LYS B 368 7.10 20.80 12.73
CA LYS B 368 6.25 21.93 12.37
C LYS B 368 4.89 21.86 13.03
N TYR B 369 4.30 20.68 13.11
CA TYR B 369 2.98 20.52 13.73
C TYR B 369 3.06 19.50 14.86
N PRO B 370 3.08 19.94 16.11
CA PRO B 370 3.10 18.99 17.23
C PRO B 370 1.94 18.01 17.17
N ASN B 371 2.24 16.73 17.44
CA ASN B 371 1.30 15.64 17.29
C ASN B 371 0.70 15.69 15.88
N PRO B 372 1.55 15.56 14.85
CA PRO B 372 1.13 15.92 13.48
C PRO B 372 0.06 15.01 12.92
N ASP B 373 -0.11 13.81 13.45
CA ASP B 373 -1.04 12.86 12.89
C ASP B 373 -2.39 12.87 13.62
N VAL B 374 -2.60 13.83 14.51
CA VAL B 374 -3.89 14.11 15.14
C VAL B 374 -4.58 15.22 14.34
N PHE B 375 -5.80 14.96 13.88
CA PHE B 375 -6.62 16.01 13.30
C PHE B 375 -7.12 16.94 14.40
N ASP B 376 -6.83 18.25 14.31
CA ASP B 376 -7.14 19.18 15.40
C ASP B 376 -7.35 20.59 14.84
N ILE B 377 -8.62 21.01 14.73
CA ILE B 377 -8.92 22.30 14.14
C ILE B 377 -8.33 23.46 14.95
N HIS B 378 -8.01 23.25 16.23
CA HIS B 378 -7.45 24.31 17.05
C HIS B 378 -5.96 24.54 16.82
N ARG B 379 -5.25 23.65 16.11
CA ARG B 379 -3.82 23.86 15.93
C ARG B 379 -3.54 25.02 14.97
N ASP B 380 -2.28 25.44 14.95
CA ASP B 380 -1.77 26.37 13.96
C ASP B 380 -1.38 25.58 12.72
N SER B 381 -2.18 25.66 11.67
CA SER B 381 -1.86 24.98 10.43
C SER B 381 -1.85 25.95 9.27
N ARG B 382 -1.73 27.25 9.54
CA ARG B 382 -1.87 28.23 8.46
C ARG B 382 -0.80 28.03 7.37
N ASP B 383 0.38 27.54 7.74
CA ASP B 383 1.51 27.38 6.85
C ASP B 383 1.53 26.05 6.13
N HIS B 384 0.38 25.41 5.94
CA HIS B 384 0.39 24.07 5.37
C HIS B 384 0.92 24.09 3.92
N LEU B 385 1.18 22.89 3.39
CA LEU B 385 1.76 22.68 2.06
C LEU B 385 0.75 22.15 1.06
N ALA B 386 -0.55 22.19 1.36
CA ALA B 386 -1.52 21.50 0.50
C ALA B 386 -1.50 22.06 -0.91
N PHE B 387 -1.32 23.37 -1.04
CA PHE B 387 -1.25 24.05 -2.33
C PHE B 387 0.16 24.11 -2.91
N GLY B 388 1.12 23.44 -2.30
CA GLY B 388 2.48 23.56 -2.79
C GLY B 388 3.12 24.82 -2.27
N TYR B 389 4.11 25.31 -3.01
CA TYR B 389 4.95 26.40 -2.52
C TYR B 389 5.80 26.95 -3.68
N GLY B 390 6.19 28.20 -3.59
CA GLY B 390 7.00 28.79 -4.65
C GLY B 390 6.13 29.23 -5.82
N VAL B 391 6.77 29.42 -6.97
CA VAL B 391 6.07 30.08 -8.07
C VAL B 391 4.92 29.26 -8.60
N HIS B 392 4.93 27.93 -8.43
CA HIS B 392 3.83 27.12 -8.93
C HIS B 392 2.73 26.90 -7.91
N GLN B 393 2.82 27.51 -6.73
CA GLN B 393 1.81 27.30 -5.71
C GLN B 393 0.43 27.54 -6.31
N CYS B 394 -0.52 26.68 -5.94
CA CYS B 394 -1.79 26.53 -6.63
C CYS B 394 -2.42 27.85 -7.06
N LEU B 395 -2.58 28.01 -8.36
CA LEU B 395 -3.26 29.19 -8.90
C LEU B 395 -4.71 29.24 -8.44
N GLY B 396 -5.32 28.09 -8.20
CA GLY B 396 -6.71 28.06 -7.81
C GLY B 396 -6.98 28.09 -6.32
N GLN B 397 -5.98 28.41 -5.51
CA GLN B 397 -6.09 28.17 -4.07
C GLN B 397 -7.21 28.99 -3.41
N HIS B 398 -7.48 30.19 -3.93
CA HIS B 398 -8.51 31.00 -3.29
C HIS B 398 -9.90 30.53 -3.70
N VAL B 399 -10.07 30.16 -4.97
CA VAL B 399 -11.30 29.49 -5.39
C VAL B 399 -11.49 28.19 -4.62
N ALA B 400 -10.42 27.42 -4.47
CA ALA B 400 -10.49 26.14 -3.75
C ALA B 400 -10.88 26.36 -2.29
N ARG B 401 -10.25 27.35 -1.62
CA ARG B 401 -10.56 27.61 -0.21
C ARG B 401 -12.02 27.98 -0.03
N LEU B 402 -12.54 28.81 -0.92
CA LEU B 402 -13.92 29.26 -0.81
C LEU B 402 -14.87 28.09 -0.97
N MET B 403 -14.62 27.23 -1.97
CA MET B 403 -15.45 26.04 -2.14
C MET B 403 -15.46 25.18 -0.89
N LEU B 404 -14.28 24.91 -0.33
CA LEU B 404 -14.22 24.08 0.87
C LEU B 404 -14.91 24.77 2.04
N GLU B 405 -14.61 26.05 2.28
CA GLU B 405 -15.19 26.76 3.42
C GLU B 405 -16.71 26.76 3.33
N MET B 406 -17.22 27.12 2.15
CA MET B 406 -18.66 27.30 1.97
C MET B 406 -19.40 25.98 2.13
N CYS B 407 -18.80 24.88 1.68
CA CYS B 407 -19.41 23.56 1.86
C CYS B 407 -19.43 23.16 3.33
N LEU B 408 -18.30 23.32 4.02
CA LEU B 408 -18.25 22.95 5.44
C LEU B 408 -19.24 23.79 6.25
N THR B 409 -19.21 25.12 6.04
CA THR B 409 -20.12 26.02 6.75
C THR B 409 -21.59 25.63 6.52
N SER B 410 -21.97 25.39 5.27
CA SER B 410 -23.37 25.10 4.98
C SER B 410 -23.81 23.77 5.57
N LEU B 411 -23.00 22.72 5.47
CA LEU B 411 -23.38 21.46 6.10
C LEU B 411 -23.44 21.61 7.63
N VAL B 412 -22.53 22.39 8.20
CA VAL B 412 -22.51 22.51 9.65
C VAL B 412 -23.69 23.35 10.14
N GLU B 413 -23.99 24.46 9.46
CA GLU B 413 -25.14 25.28 9.86
C GLU B 413 -26.44 24.51 9.70
N ARG B 414 -26.58 23.78 8.59
CA ARG B 414 -27.86 23.24 8.18
C ARG B 414 -28.19 21.93 8.87
N PHE B 415 -27.19 21.17 9.32
CA PHE B 415 -27.42 19.83 9.87
C PHE B 415 -26.80 19.72 11.24
N PRO B 416 -27.38 20.38 12.25
CA PRO B 416 -26.84 20.30 13.62
C PRO B 416 -26.73 18.88 14.14
N GLY B 417 -27.52 17.95 13.63
CA GLY B 417 -27.42 16.56 13.98
C GLY B 417 -26.51 15.75 13.08
N LEU B 418 -25.67 16.41 12.26
CA LEU B 418 -24.80 15.72 11.32
C LEU B 418 -23.94 14.68 12.03
N HIS B 419 -23.97 13.45 11.52
CA HIS B 419 -23.19 12.37 12.11
C HIS B 419 -22.91 11.27 11.09
N LEU B 420 -21.94 10.42 11.44
CA LEU B 420 -21.54 9.30 10.62
C LEU B 420 -22.53 8.15 10.74
N VAL B 421 -22.80 7.47 9.62
CA VAL B 421 -23.79 6.42 9.56
C VAL B 421 -23.19 5.22 8.84
N GLU B 422 -23.59 4.01 9.26
CA GLU B 422 -22.93 2.78 8.81
C GLU B 422 -23.28 2.45 7.36
N GLY B 423 -24.56 2.31 7.05
CA GLY B 423 -24.98 2.03 5.69
C GLY B 423 -25.67 0.67 5.59
N ASP B 424 -26.30 0.48 4.42
CA ASP B 424 -27.17 -0.67 4.18
C ASP B 424 -26.45 -1.99 4.45
N GLU B 425 -25.30 -2.18 3.81
CA GLU B 425 -24.60 -3.46 3.82
C GLU B 425 -23.14 -3.21 4.21
N PRO B 426 -22.42 -4.26 4.62
CA PRO B 426 -21.02 -4.08 5.02
C PRO B 426 -20.16 -3.52 3.88
N ILE B 427 -19.05 -2.91 4.29
CA ILE B 427 -18.10 -2.28 3.38
C ILE B 427 -17.67 -3.25 2.30
N GLU B 428 -17.67 -2.80 1.05
CA GLU B 428 -17.09 -3.57 -0.05
C GLU B 428 -15.58 -3.38 -0.10
N LEU B 429 -14.85 -4.49 -0.20
CA LEU B 429 -13.43 -4.46 -0.46
C LEU B 429 -13.15 -5.23 -1.74
N ILE B 430 -12.39 -4.61 -2.64
CA ILE B 430 -11.82 -5.27 -3.80
C ILE B 430 -10.31 -5.18 -3.65
N ASP B 431 -9.64 -6.32 -3.66
CA ASP B 431 -8.21 -6.40 -3.36
C ASP B 431 -7.90 -5.74 -2.00
N GLY B 432 -8.86 -5.83 -1.08
CA GLY B 432 -8.70 -5.31 0.26
C GLY B 432 -8.96 -3.83 0.39
N LEU B 433 -9.37 -3.16 -0.67
CA LEU B 433 -9.56 -1.72 -0.64
C LEU B 433 -11.01 -1.38 -0.94
N PRO B 434 -11.52 -0.31 -0.36
CA PRO B 434 -12.80 0.23 -0.82
C PRO B 434 -12.70 0.56 -2.29
N PRO B 435 -13.68 0.13 -3.11
CA PRO B 435 -13.58 0.35 -4.54
C PRO B 435 -13.87 1.79 -4.97
N VAL B 436 -14.74 2.49 -4.25
CA VAL B 436 -15.00 3.90 -4.49
C VAL B 436 -15.01 4.64 -3.16
N HIS B 437 -14.72 5.94 -3.20
CA HIS B 437 -14.87 6.74 -2.00
C HIS B 437 -16.35 7.09 -1.82
N LYS B 438 -16.85 6.82 -0.62
CA LYS B 438 -18.18 7.24 -0.21
C LYS B 438 -18.12 7.67 1.23
N LEU B 439 -19.04 8.55 1.61
CA LEU B 439 -19.19 8.99 3.01
C LEU B 439 -20.68 8.99 3.28
N THR B 440 -21.13 8.02 4.10
CA THR B 440 -22.54 7.86 4.43
C THR B 440 -22.83 8.60 5.73
N ILE B 441 -23.77 9.54 5.66
CA ILE B 441 -24.01 10.46 6.77
C ILE B 441 -25.50 10.53 7.06
N GLY B 442 -25.83 10.95 8.27
CA GLY B 442 -27.18 11.22 8.68
C GLY B 442 -27.24 12.52 9.44
N TRP B 443 -28.45 12.90 9.83
CA TRP B 443 -28.69 14.20 10.46
C TRP B 443 -30.01 14.25 11.24
#